data_8Q5H
#
_entry.id   8Q5H
#
_cell.length_a   1.00
_cell.length_b   1.00
_cell.length_c   1.00
_cell.angle_alpha   90.00
_cell.angle_beta   90.00
_cell.angle_gamma   90.00
#
_symmetry.space_group_name_H-M   'P 1'
#
loop_
_entity.id
_entity.type
_entity.pdbx_description
1 polymer 'Kinetochore protein Spc24'
2 polymer 'Kinetochore protein Spc25'
3 polymer 'Protein MIS12 homolog'
4 polymer 'Polyamine-modulated factor 1'
5 polymer 'Kinetochore-associated protein DSN1 homolog'
6 polymer 'Kinetochore scaffold 1'
7 polymer 'Kinetochore-associated protein NSL1 homolog'
#
loop_
_entity_poly.entity_id
_entity_poly.type
_entity_poly.pdbx_seq_one_letter_code
_entity_poly.pdbx_strand_id
1 'polypeptide(L)'
;MELKEIEADLERQEKEVDEDTTVTIPSAVYVAQLYHQVSKIEWDYECEPGMVKGIHHGPSVAQPIHLDSTQLSRKFISDY
LWSLVDTEW
;
4
2 'polypeptide(L)'
;MKQELEVLTANIQDLKEEYSRKKETISTANKANAERLKRLQKSADLYKDRLGLEIRKIYGEKLQFIFTNIDPKNPESPFM
FSLHLNEARDYEVSDSAPHLEGLAEFQENVRKTNNFSAFLANVRKAFTATVYNHHHHHH
;
5
3 'polypeptide(L)'
;MSVDPMTYEAQFFGFTPQTCMLRIYIAFQDYLFEVMQAVEQVILKKLDGIPDCDISPVQIRKCTEKFLCFMKGHFDNLFS
KMEQLFLQLILRIPSNILLPEDKCKETPYSEEDFQHLQKEIEQLQEKYKTELCTKQALLAELEEQKIVQAKLKQTLTFFD
ELHNVGRDHGTSDFRESLVSLVQNSRKLQNIRDNVEKESKRLKIS
;
A
4 'polypeptide(L)'
;MAEASSANLGSGCEEKRHEGSSSESVPPGTTISRVKLLDTMVDTFLQKLVAAGSYQRFTDCYKCFYQLQPAMTQQIYDKF
IAQLQTSIREEISDIKEEGNLEAVLNALDKIVEEGKVRKEPAWRPSGIPEKDLHSVMAPYFLQQRDTLRRHVQKQEAENQ
QLADAVLAGRRQVEELQLQVQAQQQAWQALHREQRELVAVLREPE
;
B
5 'polypeptide(L)'
;MTSVTRSEIIDEKGPVMSKTHDHQLESSLSPVEVFAKTSASLEMNQGVSEERIHLGSSPKKGGNCDLSHQERLQSKSLHL
SPQEQSASYQDRRQSWRRASMKETNRRKSLHPIHQGITELSRSISVDLAESKRLGCLLLSSFQFSIQKLEPFLRDTKGFS
LESFRAKASSLSEELKHFADGLETDGTLQKCFEDSNGKASDFSLEASVAEMKEYITKFSLERQTWDQLLLHYQQEAKEIL
SRGSTEAKITEVKVEPMTYLGSSQNEVLNTKPDYQKILQNQSKVFDCMELVMDELQGSVKQLQAFMDESTQCFQKVSVQL
GKRSMQQLDPSPARKLLKLQLQNPPAIHGSGSGSCQHHHHHH
;
D
6 'polypeptide(L)'
;GAMGGSMGKLVQSAQNEREKLQIKIDEMDKILKKIDNCLTEMETETKNLEDEEKNNPVEEWDSEMRAAEKELEQLKTEEE
ELQRNLLELEVQKEQTLAQIDFMQKQRNRTEELLDQLSLSEWDVVEWSDDQAVFTFVYDTIQLTITFEESVVGFPFLDKR
YRKIVDVNFQSLLDEDQAPPSSLLVHKLIFQYVEEKESWKKTCTTQHQLPKMLEEFSLVVHHCRLLGEEIEYLKRWGPNY
NLMNIDINNNELRLLFSSSAAFAKFEITLFLSAYYPSVPLPSTIQNHVGNTSQDDIATILSKVPLENNYLKNVVKQIYQD
LFQDCHFYH
;
K
7 'polypeptide(L)'
;MAGSPELVVLDPPWDKELAAGTESQALVSATPREDFRVRCTSKRAVTEMLQLCGRFVQKLGDALPEEIREPALRDAQWTF
ESAVQENISINGQAWQEASDNCFMDSDIKVLEDQFDEIIVDIATKRKQYPRKILECVIKTIKAKQEILKQYHPVVHPLDL
KYDPDPAPHMENLKCRGETVAKEISEAMKSLPALIEQGEGFSQVLRMQPVIHLQRIHQEVFSSCHRKPDAKPENFITQIE
TTPTETASRKTSDMVLKRKQTKDCPQRKWYPLRPKKINLDT
;
N
#
# COMPACT_ATOMS: atom_id res chain seq x y z
N VAL A 23 32.31 -49.90 -94.92
CA VAL A 23 33.07 -48.67 -94.77
C VAL A 23 32.15 -47.52 -94.37
N THR A 24 31.07 -47.34 -95.13
CA THR A 24 30.13 -46.27 -94.82
C THR A 24 29.36 -46.55 -93.54
N ILE A 25 28.83 -47.76 -93.39
CA ILE A 25 28.03 -48.15 -92.23
C ILE A 25 28.84 -48.06 -90.94
N PRO A 26 30.04 -48.65 -90.84
CA PRO A 26 30.77 -48.52 -89.58
C PRO A 26 31.16 -47.08 -89.25
N SER A 27 31.61 -46.32 -90.25
CA SER A 27 31.95 -44.92 -89.99
C SER A 27 30.74 -44.15 -89.50
N ALA A 28 29.59 -44.38 -90.13
CA ALA A 28 28.38 -43.67 -89.74
C ALA A 28 27.95 -44.04 -88.33
N VAL A 29 27.95 -45.34 -87.99
CA VAL A 29 27.51 -45.74 -86.66
C VAL A 29 28.49 -45.22 -85.61
N TYR A 30 29.79 -45.22 -85.93
CA TYR A 30 30.77 -44.74 -84.97
C TYR A 30 30.64 -43.24 -84.75
N VAL A 31 30.43 -42.46 -85.81
CA VAL A 31 30.27 -41.02 -85.62
C VAL A 31 28.95 -40.74 -84.91
N ALA A 32 27.96 -41.62 -85.08
CA ALA A 32 26.73 -41.50 -84.32
C ALA A 32 26.98 -41.69 -82.82
N GLN A 33 27.74 -42.74 -82.47
CA GLN A 33 28.07 -42.96 -81.07
C GLN A 33 28.88 -41.80 -80.51
N LEU A 34 29.83 -41.30 -81.30
CA LEU A 34 30.62 -40.16 -80.85
C LEU A 34 29.76 -38.93 -80.62
N TYR A 35 28.81 -38.67 -81.53
CA TYR A 35 27.90 -37.53 -81.37
C TYR A 35 27.04 -37.68 -80.12
N HIS A 36 26.51 -38.87 -79.89
CA HIS A 36 25.70 -39.11 -78.69
C HIS A 36 26.53 -38.92 -77.43
N GLN A 37 27.78 -39.36 -77.46
CA GLN A 37 28.67 -39.18 -76.32
C GLN A 37 28.97 -37.70 -76.10
N VAL A 38 29.17 -36.95 -77.17
CA VAL A 38 29.52 -35.54 -77.04
C VAL A 38 28.34 -34.73 -76.54
N SER A 39 27.27 -34.66 -77.32
CA SER A 39 26.13 -33.83 -76.97
C SER A 39 25.42 -34.29 -75.72
N LYS A 40 25.55 -35.57 -75.35
CA LYS A 40 24.79 -36.18 -74.27
C LYS A 40 23.30 -35.98 -74.44
N ILE A 41 22.84 -35.81 -75.68
CA ILE A 41 21.48 -35.45 -75.99
C ILE A 41 20.94 -36.40 -77.05
N GLU A 42 19.73 -36.91 -76.80
CA GLU A 42 18.98 -37.66 -77.81
C GLU A 42 17.87 -36.75 -78.33
N TRP A 43 17.47 -36.97 -79.57
CA TRP A 43 16.49 -36.05 -80.16
C TRP A 43 15.24 -36.80 -80.62
N ASP A 44 14.28 -36.03 -81.15
CA ASP A 44 13.06 -36.58 -81.70
C ASP A 44 12.94 -36.11 -83.15
N TYR A 45 12.64 -37.07 -84.04
CA TYR A 45 12.57 -36.81 -85.47
C TYR A 45 11.18 -37.04 -86.04
N GLU A 46 10.39 -37.91 -85.41
CA GLU A 46 9.04 -38.24 -85.85
C GLU A 46 8.09 -37.06 -85.69
N CYS A 47 8.39 -36.13 -84.79
CA CYS A 47 7.65 -34.89 -84.72
C CYS A 47 8.05 -33.97 -85.88
N GLU A 48 7.23 -32.95 -86.12
CA GLU A 48 7.49 -32.05 -87.23
C GLU A 48 8.77 -31.26 -86.99
N PRO A 49 9.53 -30.95 -88.05
CA PRO A 49 10.77 -30.20 -87.89
C PRO A 49 10.59 -28.74 -87.48
N GLY A 50 9.36 -28.26 -87.40
CA GLY A 50 9.13 -26.90 -86.96
C GLY A 50 9.34 -26.74 -85.47
N MET A 51 9.45 -27.86 -84.76
CA MET A 51 9.67 -27.88 -83.33
C MET A 51 10.62 -29.02 -82.98
N VAL A 52 11.32 -28.89 -81.85
CA VAL A 52 12.39 -29.80 -81.46
C VAL A 52 12.01 -30.41 -80.12
N LYS A 53 12.04 -31.75 -80.07
CA LYS A 53 11.86 -32.53 -78.86
C LYS A 53 13.11 -33.38 -78.66
N GLY A 54 13.53 -33.50 -77.42
CA GLY A 54 14.75 -34.23 -77.12
C GLY A 54 14.93 -34.40 -75.63
N ILE A 55 16.08 -34.94 -75.27
CA ILE A 55 16.41 -35.27 -73.89
C ILE A 55 17.90 -35.03 -73.69
N HIS A 56 18.24 -34.44 -72.55
CA HIS A 56 19.62 -34.12 -72.21
C HIS A 56 20.02 -34.87 -70.94
N HIS A 57 21.15 -35.55 -71.00
CA HIS A 57 21.71 -36.29 -69.86
C HIS A 57 22.78 -35.42 -69.20
N GLY A 58 22.35 -34.42 -68.45
CA GLY A 58 23.27 -33.55 -67.75
C GLY A 58 23.74 -34.16 -66.44
N PRO A 59 24.71 -33.51 -65.79
CA PRO A 59 25.16 -33.97 -64.47
C PRO A 59 24.06 -33.98 -63.42
N SER A 60 23.11 -33.06 -63.50
CA SER A 60 21.95 -33.02 -62.62
C SER A 60 20.89 -33.99 -63.15
N VAL A 61 19.66 -33.85 -62.67
CA VAL A 61 18.52 -34.64 -63.14
C VAL A 61 18.41 -34.52 -64.65
N ALA A 62 18.10 -35.63 -65.31
CA ALA A 62 17.93 -35.62 -66.76
C ALA A 62 16.78 -34.69 -67.16
N GLN A 63 16.96 -34.02 -68.30
CA GLN A 63 15.99 -32.97 -68.60
C GLN A 63 15.36 -33.18 -69.98
N PRO A 64 14.15 -32.67 -70.19
CA PRO A 64 13.57 -32.70 -71.53
C PRO A 64 14.03 -31.50 -72.35
N ILE A 65 13.67 -31.51 -73.62
CA ILE A 65 13.96 -30.42 -74.55
C ILE A 65 12.75 -30.23 -75.45
N HIS A 66 12.00 -29.15 -75.23
CA HIS A 66 10.78 -28.91 -76.00
C HIS A 66 10.78 -27.44 -76.42
N LEU A 67 11.15 -27.19 -77.68
CA LEU A 67 11.18 -25.82 -78.20
C LEU A 67 10.69 -25.80 -79.64
N ASP A 68 10.71 -24.62 -80.25
CA ASP A 68 10.35 -24.48 -81.65
C ASP A 68 11.59 -24.10 -82.44
N SER A 69 12.11 -25.04 -83.24
CA SER A 69 13.30 -24.83 -84.03
C SER A 69 13.15 -23.74 -85.07
N THR A 70 11.99 -23.65 -85.74
CA THR A 70 11.85 -22.70 -86.84
C THR A 70 11.30 -21.36 -86.37
N GLN A 71 11.04 -21.21 -85.06
CA GLN A 71 10.42 -20.01 -84.54
C GLN A 71 11.43 -19.07 -83.88
N LEU A 72 12.54 -19.58 -83.36
CA LEU A 72 13.58 -18.77 -82.76
C LEU A 72 14.85 -18.85 -83.59
N SER A 73 15.71 -17.85 -83.44
CA SER A 73 17.00 -17.84 -84.12
C SER A 73 17.89 -18.94 -83.59
N ARG A 74 18.78 -19.46 -84.44
CA ARG A 74 19.65 -20.56 -84.05
C ARG A 74 20.54 -20.16 -82.88
N LYS A 75 21.00 -18.90 -82.86
CA LYS A 75 21.90 -18.45 -81.80
C LYS A 75 21.24 -18.55 -80.43
N PHE A 76 20.00 -18.07 -80.31
CA PHE A 76 19.33 -18.08 -79.01
C PHE A 76 19.11 -19.50 -78.51
N ILE A 77 18.67 -20.39 -79.38
CA ILE A 77 18.38 -21.76 -78.96
C ILE A 77 19.67 -22.48 -78.60
N SER A 78 20.74 -22.22 -79.36
CA SER A 78 22.03 -22.82 -79.05
C SER A 78 22.55 -22.33 -77.71
N ASP A 79 22.40 -21.04 -77.42
CA ASP A 79 22.77 -20.53 -76.10
C ASP A 79 21.89 -21.16 -75.02
N TYR A 80 20.62 -21.41 -75.33
CA TYR A 80 19.72 -22.04 -74.37
C TYR A 80 20.22 -23.42 -73.96
N LEU A 81 20.53 -24.27 -74.95
CA LEU A 81 20.97 -25.61 -74.61
C LEU A 81 22.38 -25.61 -74.01
N TRP A 82 23.30 -24.85 -74.58
CA TRP A 82 24.69 -24.94 -74.12
C TRP A 82 24.92 -24.12 -72.86
N SER A 83 23.92 -23.35 -72.42
CA SER A 83 24.01 -22.67 -71.13
C SER A 83 23.40 -23.51 -70.01
N LEU A 84 22.47 -24.39 -70.33
CA LEU A 84 21.92 -25.32 -69.34
C LEU A 84 22.96 -26.30 -68.82
N VAL A 85 24.05 -26.52 -69.58
CA VAL A 85 25.12 -27.38 -69.12
C VAL A 85 25.79 -26.76 -67.90
N ASP A 86 25.95 -27.55 -66.85
CA ASP A 86 26.49 -27.02 -65.60
C ASP A 86 27.95 -26.63 -65.76
N THR A 87 28.21 -25.32 -65.71
CA THR A 87 29.57 -24.78 -65.83
C THR A 87 30.22 -24.55 -64.48
N GLU A 88 29.55 -24.86 -63.38
CA GLU A 88 30.10 -24.67 -62.05
C GLU A 88 30.18 -25.99 -61.29
N ALA B 32 17.76 -51.50 -94.94
CA ALA B 32 17.40 -50.14 -94.57
C ALA B 32 18.64 -49.30 -94.33
N ASN B 33 19.71 -49.58 -95.09
CA ASN B 33 20.94 -48.82 -94.94
C ASN B 33 20.74 -47.36 -95.33
N ALA B 34 19.95 -47.11 -96.37
CA ALA B 34 19.77 -45.74 -96.85
C ALA B 34 19.11 -44.86 -95.79
N GLU B 35 18.07 -45.37 -95.15
CA GLU B 35 17.40 -44.59 -94.11
C GLU B 35 18.33 -44.33 -92.93
N ARG B 36 19.09 -45.35 -92.52
CA ARG B 36 20.02 -45.18 -91.41
C ARG B 36 21.04 -44.09 -91.73
N LEU B 37 21.70 -44.20 -92.89
CA LEU B 37 22.72 -43.23 -93.24
C LEU B 37 22.14 -41.84 -93.42
N LYS B 38 20.93 -41.75 -93.98
CA LYS B 38 20.31 -40.44 -94.19
C LYS B 38 20.01 -39.77 -92.85
N ARG B 39 19.50 -40.53 -91.87
CA ARG B 39 19.23 -39.86 -90.60
C ARG B 39 20.51 -39.59 -89.84
N LEU B 40 21.55 -40.40 -90.04
CA LEU B 40 22.79 -40.10 -89.35
C LEU B 40 23.40 -38.81 -89.89
N GLN B 41 23.34 -38.61 -91.21
CA GLN B 41 23.76 -37.33 -91.77
C GLN B 41 22.87 -36.20 -91.27
N LYS B 42 21.56 -36.46 -91.15
CA LYS B 42 20.66 -35.45 -90.61
C LYS B 42 20.99 -35.13 -89.16
N SER B 43 21.38 -36.14 -88.38
CA SER B 43 21.74 -35.91 -87.00
C SER B 43 23.01 -35.06 -86.91
N ALA B 44 24.01 -35.38 -87.71
CA ALA B 44 25.20 -34.56 -87.76
C ALA B 44 24.85 -33.12 -88.17
N ASP B 45 23.96 -32.99 -89.15
CA ASP B 45 23.55 -31.66 -89.62
C ASP B 45 22.83 -30.88 -88.53
N LEU B 46 22.00 -31.56 -87.75
CA LEU B 46 21.28 -30.84 -86.69
C LEU B 46 22.21 -30.48 -85.55
N TYR B 47 23.21 -31.32 -85.27
CA TYR B 47 24.27 -30.85 -84.39
C TYR B 47 24.93 -29.60 -84.95
N LYS B 48 25.26 -29.60 -86.25
CA LYS B 48 25.94 -28.47 -86.87
C LYS B 48 25.12 -27.19 -86.77
N ASP B 49 23.81 -27.28 -87.01
CA ASP B 49 22.99 -26.07 -87.05
C ASP B 49 22.39 -25.74 -85.69
N ARG B 50 21.59 -26.66 -85.14
CA ARG B 50 20.99 -26.48 -83.83
C ARG B 50 22.06 -26.32 -82.74
N LEU B 51 23.04 -27.22 -82.69
CA LEU B 51 24.03 -27.19 -81.63
C LEU B 51 25.29 -26.42 -82.00
N GLY B 52 25.79 -26.58 -83.23
CA GLY B 52 26.95 -25.81 -83.67
C GLY B 52 28.20 -26.61 -83.95
N LEU B 53 28.15 -27.92 -83.73
CA LEU B 53 29.34 -28.78 -83.83
C LEU B 53 29.15 -29.78 -84.95
N GLU B 54 30.19 -30.00 -85.75
CA GLU B 54 30.21 -31.07 -86.73
C GLU B 54 31.57 -31.76 -86.72
N ILE B 55 31.58 -33.09 -86.79
CA ILE B 55 32.81 -33.87 -86.75
C ILE B 55 33.04 -34.44 -88.14
N ARG B 56 34.31 -34.66 -88.50
CA ARG B 56 34.65 -35.23 -89.79
C ARG B 56 35.97 -35.99 -89.72
N LYS B 57 35.96 -37.25 -90.13
CA LYS B 57 37.17 -38.04 -90.23
C LYS B 57 37.84 -37.75 -91.57
N ILE B 58 39.12 -37.43 -91.55
CA ILE B 58 39.88 -37.15 -92.75
C ILE B 58 41.03 -38.14 -92.84
N TYR B 59 41.71 -38.13 -93.99
CA TYR B 59 42.79 -39.06 -94.26
C TYR B 59 43.98 -38.80 -93.34
N GLY B 60 44.82 -39.82 -93.19
CA GLY B 60 45.96 -39.73 -92.31
C GLY B 60 45.66 -39.97 -90.84
N GLU B 61 44.60 -40.72 -90.52
CA GLU B 61 44.19 -40.99 -89.15
C GLU B 61 43.97 -39.70 -88.36
N LYS B 62 43.35 -38.71 -88.99
CA LYS B 62 43.05 -37.44 -88.36
C LYS B 62 41.54 -37.22 -88.34
N LEU B 63 41.09 -36.47 -87.34
CA LEU B 63 39.68 -36.09 -87.25
C LEU B 63 39.60 -34.61 -86.96
N GLN B 64 38.52 -33.98 -87.40
CA GLN B 64 38.33 -32.54 -87.29
C GLN B 64 37.03 -32.26 -86.57
N PHE B 65 37.07 -31.32 -85.63
CA PHE B 65 35.88 -30.72 -85.05
C PHE B 65 35.73 -29.30 -85.60
N ILE B 66 34.56 -29.01 -86.16
CA ILE B 66 34.25 -27.73 -86.77
C ILE B 66 33.14 -27.11 -85.93
N PHE B 67 33.33 -25.85 -85.55
CA PHE B 67 32.44 -25.17 -84.64
C PHE B 67 31.84 -23.97 -85.36
N THR B 68 30.51 -23.88 -85.34
CA THR B 68 29.81 -22.82 -86.05
C THR B 68 28.68 -22.26 -85.19
N ASN B 69 28.22 -21.07 -85.55
CA ASN B 69 27.13 -20.37 -84.87
C ASN B 69 27.50 -20.08 -83.41
N ILE B 70 28.61 -19.38 -83.21
CA ILE B 70 28.99 -18.93 -81.88
C ILE B 70 28.98 -17.42 -81.74
N ASP B 71 29.67 -16.68 -82.61
CA ASP B 71 29.77 -15.24 -82.55
C ASP B 71 28.41 -14.61 -82.78
N PRO B 72 27.98 -13.69 -81.90
CA PRO B 72 26.66 -13.05 -82.11
C PRO B 72 26.52 -12.30 -83.42
N LYS B 73 27.60 -11.70 -83.95
CA LYS B 73 27.47 -10.96 -85.20
C LYS B 73 27.71 -11.85 -86.42
N ASN B 74 28.77 -12.66 -86.39
CA ASN B 74 29.12 -13.50 -87.53
C ASN B 74 28.79 -14.95 -87.18
N PRO B 75 27.71 -15.52 -87.72
CA PRO B 75 27.30 -16.88 -87.36
C PRO B 75 28.07 -17.98 -88.08
N GLU B 76 28.65 -17.71 -89.24
CA GLU B 76 29.34 -18.73 -90.02
C GLU B 76 30.76 -18.99 -89.52
N SER B 77 31.29 -18.10 -88.66
CA SER B 77 32.69 -18.09 -88.26
C SER B 77 33.17 -19.49 -87.86
N PRO B 78 34.02 -20.14 -88.66
CA PRO B 78 34.50 -21.47 -88.30
C PRO B 78 35.48 -21.44 -87.14
N PHE B 79 35.40 -22.42 -86.24
CA PHE B 79 36.42 -22.64 -85.22
C PHE B 79 36.90 -24.08 -85.38
N MET B 80 38.20 -24.27 -85.54
CA MET B 80 38.74 -25.57 -85.93
C MET B 80 39.52 -26.20 -84.78
N PHE B 81 39.42 -27.52 -84.64
CA PHE B 81 40.57 -28.23 -84.08
C PHE B 81 40.59 -29.66 -84.60
N SER B 82 41.75 -30.06 -85.12
CA SER B 82 41.96 -31.40 -85.64
C SER B 82 42.88 -32.15 -84.70
N LEU B 83 42.52 -33.39 -84.39
CA LEU B 83 43.28 -34.26 -83.52
C LEU B 83 43.70 -35.52 -84.27
N HIS B 84 44.91 -35.98 -84.00
CA HIS B 84 45.46 -37.20 -84.59
C HIS B 84 45.94 -38.11 -83.47
N LEU B 85 46.49 -39.26 -83.85
CA LEU B 85 46.95 -40.27 -82.89
C LEU B 85 48.44 -40.48 -83.02
N ASN B 86 49.10 -40.62 -81.87
CA ASN B 86 50.54 -40.88 -81.85
C ASN B 86 50.81 -42.37 -81.99
N GLU B 87 52.05 -42.78 -81.79
CA GLU B 87 52.39 -44.20 -81.86
C GLU B 87 51.90 -44.97 -80.64
N ALA B 88 51.41 -44.26 -79.62
CA ALA B 88 51.01 -44.91 -78.38
C ALA B 88 49.52 -44.76 -78.08
N ARG B 89 48.69 -44.51 -79.09
CA ARG B 89 47.24 -44.43 -78.91
C ARG B 89 46.84 -43.37 -77.88
N ASP B 90 47.10 -42.10 -78.20
CA ASP B 90 46.81 -41.02 -77.27
C ASP B 90 46.15 -39.85 -78.00
N TYR B 91 45.28 -39.12 -77.28
CA TYR B 91 44.67 -37.93 -77.84
C TYR B 91 45.62 -36.75 -77.79
N GLU B 92 45.90 -36.17 -78.96
CA GLU B 92 46.69 -34.95 -79.05
C GLU B 92 46.15 -34.14 -80.22
N VAL B 93 45.65 -32.95 -79.93
CA VAL B 93 45.08 -32.09 -80.96
C VAL B 93 46.20 -31.69 -81.91
N SER B 94 46.10 -32.13 -83.16
CA SER B 94 47.10 -31.81 -84.16
C SER B 94 47.22 -30.32 -84.43
N ASP B 95 46.10 -29.62 -84.54
CA ASP B 95 46.13 -28.18 -84.69
C ASP B 95 44.82 -27.56 -84.19
N SER B 96 44.88 -26.27 -83.86
CA SER B 96 43.74 -25.58 -83.30
C SER B 96 43.70 -24.17 -83.85
N ALA B 97 42.57 -23.79 -84.44
CA ALA B 97 42.40 -22.46 -84.99
C ALA B 97 41.18 -21.79 -84.37
N PRO B 98 41.37 -20.85 -83.43
CA PRO B 98 42.65 -20.43 -82.84
C PRO B 98 43.26 -21.49 -81.93
N HIS B 99 44.52 -21.31 -81.54
CA HIS B 99 45.21 -22.30 -80.75
C HIS B 99 44.67 -22.34 -79.32
N LEU B 100 44.97 -23.45 -78.63
CA LEU B 100 44.56 -23.65 -77.25
C LEU B 100 45.77 -23.92 -76.37
N GLU B 101 45.51 -24.07 -75.07
CA GLU B 101 46.59 -24.29 -74.12
C GLU B 101 46.40 -25.57 -73.33
N GLY B 102 45.16 -25.89 -72.95
CA GLY B 102 44.88 -27.04 -72.11
C GLY B 102 44.86 -28.37 -72.84
N LEU B 103 46.00 -28.90 -73.24
CA LEU B 103 46.03 -30.18 -73.95
C LEU B 103 46.66 -31.28 -73.10
N ALA B 104 47.70 -30.97 -72.33
CA ALA B 104 48.44 -31.99 -71.61
C ALA B 104 47.58 -32.67 -70.55
N GLU B 105 46.82 -31.89 -69.79
CA GLU B 105 46.01 -32.48 -68.73
C GLU B 105 44.91 -33.38 -69.30
N PHE B 106 44.29 -32.97 -70.42
CA PHE B 106 43.27 -33.80 -71.04
C PHE B 106 43.88 -35.05 -71.66
N GLN B 107 45.08 -34.91 -72.22
CA GLN B 107 45.80 -36.08 -72.72
C GLN B 107 46.04 -37.08 -71.61
N GLU B 108 46.53 -36.61 -70.46
CA GLU B 108 46.75 -37.51 -69.32
C GLU B 108 45.44 -38.11 -68.84
N ASN B 109 44.36 -37.31 -68.85
CA ASN B 109 43.06 -37.81 -68.42
C ASN B 109 42.59 -38.95 -69.31
N VAL B 110 42.71 -38.78 -70.62
CA VAL B 110 42.24 -39.83 -71.52
C VAL B 110 43.21 -41.01 -71.53
N ARG B 111 44.47 -40.77 -71.18
CA ARG B 111 45.43 -41.86 -71.13
C ARG B 111 45.21 -42.75 -69.92
N LYS B 112 44.91 -42.14 -68.77
CA LYS B 112 44.75 -42.92 -67.55
C LYS B 112 43.31 -43.36 -67.33
N THR B 113 42.38 -42.41 -67.25
CA THR B 113 40.98 -42.71 -66.98
C THR B 113 40.17 -43.00 -68.24
N ASN B 114 40.83 -43.13 -69.39
CA ASN B 114 40.23 -43.53 -70.67
C ASN B 114 38.83 -42.95 -70.88
N ASN B 115 38.71 -41.65 -70.60
CA ASN B 115 37.45 -40.91 -70.76
C ASN B 115 37.69 -39.81 -71.80
N PHE B 116 36.68 -39.57 -72.64
CA PHE B 116 36.78 -38.54 -73.66
C PHE B 116 35.55 -37.65 -73.72
N SER B 117 34.47 -38.05 -73.06
CA SER B 117 33.29 -37.19 -72.96
C SER B 117 33.67 -35.86 -72.31
N ALA B 118 34.36 -35.92 -71.18
CA ALA B 118 34.79 -34.71 -70.50
C ALA B 118 35.73 -33.89 -71.37
N PHE B 119 36.61 -34.55 -72.13
CA PHE B 119 37.55 -33.83 -72.98
C PHE B 119 36.82 -33.04 -74.07
N LEU B 120 35.89 -33.70 -74.76
CA LEU B 120 35.15 -33.01 -75.81
C LEU B 120 34.25 -31.94 -75.25
N ALA B 121 33.62 -32.21 -74.10
CA ALA B 121 32.81 -31.18 -73.46
C ALA B 121 33.65 -29.97 -73.05
N ASN B 122 34.84 -30.22 -72.52
CA ASN B 122 35.69 -29.13 -72.06
C ASN B 122 36.23 -28.32 -73.23
N VAL B 123 36.58 -28.98 -74.33
CA VAL B 123 37.02 -28.22 -75.49
C VAL B 123 35.85 -27.42 -76.06
N ARG B 124 34.63 -27.96 -75.97
CA ARG B 124 33.47 -27.18 -76.36
C ARG B 124 33.33 -25.95 -75.46
N LYS B 125 33.50 -26.13 -74.15
CA LYS B 125 33.39 -25.01 -73.23
C LYS B 125 34.45 -23.96 -73.53
N ALA B 126 35.68 -24.41 -73.80
CA ALA B 126 36.75 -23.48 -74.11
C ALA B 126 36.47 -22.72 -75.39
N PHE B 127 36.04 -23.42 -76.45
CA PHE B 127 35.78 -22.73 -77.71
C PHE B 127 34.61 -21.78 -77.59
N THR B 128 33.61 -22.14 -76.77
CA THR B 128 32.49 -21.24 -76.52
C THR B 128 32.96 -20.00 -75.77
N ALA B 129 33.90 -20.17 -74.82
CA ALA B 129 34.42 -19.03 -74.09
C ALA B 129 35.36 -18.19 -74.95
N THR B 130 35.85 -18.76 -76.06
CA THR B 130 36.81 -18.04 -76.90
C THR B 130 36.27 -16.72 -77.42
N VAL B 131 34.96 -16.56 -77.61
CA VAL B 131 34.46 -15.32 -78.16
C VAL B 131 34.58 -14.15 -77.18
N TYR B 132 34.37 -14.38 -75.89
CA TYR B 132 34.38 -13.30 -74.91
C TYR B 132 35.67 -13.23 -74.11
N ASN B 133 36.76 -13.80 -74.62
CA ASN B 133 38.06 -13.78 -73.94
C ASN B 133 37.98 -14.38 -72.54
N MET C 1 -31.98 38.30 55.31
CA MET C 1 -32.27 36.88 55.16
C MET C 1 -33.30 36.64 54.07
N SER C 2 -32.88 36.00 52.98
CA SER C 2 -33.74 35.71 51.86
C SER C 2 -33.66 34.23 51.52
N VAL C 3 -34.81 33.64 51.23
CA VAL C 3 -34.90 32.25 50.79
C VAL C 3 -34.72 32.25 49.28
N ASP C 4 -33.47 32.27 48.83
CA ASP C 4 -33.13 32.39 47.42
C ASP C 4 -31.64 32.11 47.28
N PRO C 5 -31.15 31.71 46.10
CA PRO C 5 -29.70 31.53 45.94
C PRO C 5 -28.94 32.80 45.60
N MET C 6 -29.63 33.85 45.15
CA MET C 6 -29.01 35.08 44.64
C MET C 6 -27.88 34.79 43.66
N THR C 7 -27.94 33.66 42.95
CA THR C 7 -26.84 33.26 42.10
C THR C 7 -26.69 34.19 40.90
N TYR C 8 -27.70 35.00 40.62
CA TYR C 8 -27.70 35.80 39.39
C TYR C 8 -27.32 37.26 39.65
N GLU C 9 -27.97 37.92 40.60
CA GLU C 9 -27.73 39.36 40.80
C GLU C 9 -26.28 39.62 41.24
N ALA C 10 -25.79 38.81 42.19
CA ALA C 10 -24.39 38.93 42.60
C ALA C 10 -23.47 38.53 41.47
N GLN C 11 -23.95 37.69 40.55
CA GLN C 11 -23.14 37.25 39.42
C GLN C 11 -22.77 38.43 38.52
N PHE C 12 -23.59 39.48 38.54
CA PHE C 12 -23.31 40.65 37.71
C PHE C 12 -22.74 41.79 38.54
N PHE C 13 -23.34 42.06 39.71
CA PHE C 13 -22.82 43.14 40.54
C PHE C 13 -21.52 42.75 41.23
N GLY C 14 -21.21 41.46 41.29
CA GLY C 14 -20.02 40.98 41.95
C GLY C 14 -20.18 40.72 43.42
N PHE C 15 -21.33 41.07 44.00
CA PHE C 15 -21.53 40.89 45.43
C PHE C 15 -23.02 40.77 45.71
N THR C 16 -23.35 40.03 46.76
CA THR C 16 -24.73 39.89 47.17
C THR C 16 -25.23 41.18 47.79
N PRO C 17 -26.35 41.71 47.31
CA PRO C 17 -26.85 42.99 47.84
C PRO C 17 -27.16 42.95 49.33
N GLN C 18 -27.39 41.76 49.87
CA GLN C 18 -27.58 41.64 51.32
C GLN C 18 -26.35 42.15 52.06
N THR C 19 -25.17 41.93 51.50
CA THR C 19 -23.97 42.51 52.08
C THR C 19 -24.02 44.03 52.05
N CYS C 20 -24.48 44.61 50.94
CA CYS C 20 -24.61 46.06 50.88
C CYS C 20 -25.57 46.56 51.94
N MET C 21 -26.67 45.85 52.13
CA MET C 21 -27.66 46.27 53.13
C MET C 21 -27.10 46.19 54.54
N LEU C 22 -26.40 45.09 54.86
CA LEU C 22 -25.87 44.94 56.21
C LEU C 22 -24.76 45.94 56.49
N ARG C 23 -23.91 46.19 55.50
CA ARG C 23 -22.90 47.23 55.65
C ARG C 23 -23.55 48.59 55.88
N ILE C 24 -24.59 48.90 55.10
CA ILE C 24 -25.28 50.17 55.25
C ILE C 24 -25.84 50.29 56.65
N TYR C 25 -26.52 49.24 57.13
CA TYR C 25 -27.15 49.29 58.44
C TYR C 25 -26.11 49.47 59.55
N ILE C 26 -25.02 48.69 59.48
CA ILE C 26 -24.00 48.78 60.52
C ILE C 26 -23.38 50.17 60.53
N ALA C 27 -23.01 50.68 59.35
CA ALA C 27 -22.39 52.00 59.28
C ALA C 27 -23.33 53.07 59.79
N PHE C 28 -24.62 52.94 59.47
CA PHE C 28 -25.56 53.99 59.83
C PHE C 28 -25.84 53.98 61.32
N GLN C 29 -25.99 52.79 61.92
CA GLN C 29 -26.18 52.74 63.35
C GLN C 29 -24.93 53.22 64.08
N ASP C 30 -23.75 52.94 63.52
CA ASP C 30 -22.52 53.47 64.10
C ASP C 30 -22.51 54.99 64.04
N TYR C 31 -22.93 55.57 62.92
CA TYR C 31 -22.96 57.02 62.80
C TYR C 31 -23.96 57.63 63.77
N LEU C 32 -25.15 57.03 63.87
CA LEU C 32 -26.15 57.49 64.83
C LEU C 32 -25.58 57.48 66.23
N PHE C 33 -24.98 56.36 66.63
CA PHE C 33 -24.27 56.27 67.89
C PHE C 33 -23.32 57.44 68.07
N GLU C 34 -22.35 57.55 67.16
CA GLU C 34 -21.26 58.51 67.31
C GLU C 34 -21.80 59.92 67.45
N VAL C 35 -22.86 60.26 66.72
CA VAL C 35 -23.38 61.62 66.83
C VAL C 35 -24.17 61.80 68.12
N MET C 36 -24.80 60.74 68.63
CA MET C 36 -25.35 60.83 69.99
C MET C 36 -24.28 61.20 71.00
N GLN C 37 -23.18 60.45 71.05
CA GLN C 37 -22.15 60.82 72.02
C GLN C 37 -21.53 62.16 71.69
N ALA C 38 -21.46 62.54 70.41
CA ALA C 38 -20.92 63.84 70.05
C ALA C 38 -21.77 64.97 70.62
N VAL C 39 -23.09 64.90 70.44
CA VAL C 39 -23.94 65.98 70.90
C VAL C 39 -23.97 66.02 72.42
N GLU C 40 -24.02 64.86 73.06
CA GLU C 40 -24.06 64.87 74.52
C GLU C 40 -22.73 65.36 75.10
N GLN C 41 -21.62 65.06 74.44
CA GLN C 41 -20.33 65.60 74.87
C GLN C 41 -20.26 67.11 74.64
N VAL C 42 -20.85 67.59 73.55
CA VAL C 42 -20.90 69.03 73.32
C VAL C 42 -21.71 69.69 74.43
N ILE C 43 -22.82 69.08 74.83
CA ILE C 43 -23.60 69.61 75.94
C ILE C 43 -22.78 69.60 77.22
N LEU C 44 -22.06 68.50 77.46
CA LEU C 44 -21.25 68.38 78.67
C LEU C 44 -20.10 69.39 78.67
N LYS C 45 -19.68 69.83 77.49
CA LYS C 45 -18.62 70.82 77.39
C LYS C 45 -18.91 72.08 78.20
N LYS C 46 -20.17 72.49 78.28
CA LYS C 46 -20.54 73.57 79.19
C LYS C 46 -20.86 73.08 80.60
N LEU C 47 -21.04 71.77 80.78
CA LEU C 47 -21.33 71.24 82.12
C LEU C 47 -20.06 71.18 82.97
N ASP C 48 -18.91 70.94 82.34
CA ASP C 48 -17.66 70.85 83.08
C ASP C 48 -17.30 72.16 83.79
N GLY C 49 -17.51 73.29 83.13
CA GLY C 49 -17.15 74.58 83.71
C GLY C 49 -18.26 75.24 84.51
N ILE C 50 -19.48 74.73 84.38
CA ILE C 50 -20.63 75.28 85.08
C ILE C 50 -21.02 74.31 86.19
N PRO C 51 -20.95 74.69 87.46
CA PRO C 51 -21.32 73.76 88.53
C PRO C 51 -22.82 73.57 88.61
N ASP C 52 -23.25 72.75 89.58
CA ASP C 52 -24.65 72.53 89.96
C ASP C 52 -25.61 72.58 88.77
N CYS C 53 -25.25 71.86 87.71
CA CYS C 53 -26.08 71.74 86.51
C CYS C 53 -27.39 71.08 86.91
N ASP C 54 -28.50 71.67 86.46
CA ASP C 54 -29.82 71.21 86.87
C ASP C 54 -30.11 69.78 86.44
N ILE C 55 -29.40 69.29 85.42
CA ILE C 55 -29.63 67.94 84.89
C ILE C 55 -28.28 67.23 84.86
N SER C 56 -28.20 66.11 85.55
CA SER C 56 -26.96 65.33 85.66
C SER C 56 -26.63 64.67 84.33
N PRO C 57 -25.34 64.59 84.00
CA PRO C 57 -24.94 64.02 82.70
C PRO C 57 -25.48 62.63 82.45
N VAL C 58 -25.59 61.81 83.50
CA VAL C 58 -26.12 60.48 83.32
C VAL C 58 -27.60 60.52 82.94
N GLN C 59 -28.32 61.57 83.35
CA GLN C 59 -29.69 61.72 82.85
C GLN C 59 -29.71 62.00 81.36
N ILE C 60 -28.77 62.82 80.88
CA ILE C 60 -28.64 63.01 79.44
C ILE C 60 -28.31 61.68 78.77
N ARG C 61 -27.45 60.87 79.39
CA ARG C 61 -27.12 59.58 78.81
C ARG C 61 -28.35 58.67 78.75
N LYS C 62 -29.17 58.69 79.80
CA LYS C 62 -30.39 57.89 79.81
C LYS C 62 -31.32 58.33 78.69
N CYS C 63 -31.60 59.62 78.59
CA CYS C 63 -32.50 60.08 77.55
C CYS C 63 -31.89 59.85 76.18
N THR C 64 -30.56 59.83 76.09
CA THR C 64 -29.89 59.55 74.82
C THR C 64 -30.10 58.09 74.41
N GLU C 65 -30.00 57.18 75.37
CA GLU C 65 -30.34 55.78 75.10
C GLU C 65 -31.79 55.66 74.66
N LYS C 66 -32.67 56.42 75.30
CA LYS C 66 -34.07 56.43 74.88
C LYS C 66 -34.20 56.91 73.44
N PHE C 67 -33.53 58.00 73.08
CA PHE C 67 -33.63 58.47 71.71
C PHE C 67 -33.09 57.42 70.74
N LEU C 68 -31.94 56.82 71.06
CA LEU C 68 -31.35 55.84 70.16
C LEU C 68 -32.31 54.67 69.93
N CYS C 69 -32.86 54.11 71.01
CA CYS C 69 -33.75 52.97 70.84
C CYS C 69 -35.01 53.38 70.10
N PHE C 70 -35.48 54.61 70.31
CA PHE C 70 -36.72 55.02 69.66
C PHE C 70 -36.50 55.31 68.17
N MET C 71 -35.33 55.82 67.79
CA MET C 71 -35.02 55.84 66.38
C MET C 71 -34.91 54.43 65.81
N LYS C 72 -34.30 53.51 66.57
CA LYS C 72 -34.07 52.17 66.05
C LYS C 72 -35.40 51.46 65.79
N GLY C 73 -36.39 51.68 66.67
CA GLY C 73 -37.66 51.01 66.54
C GLY C 73 -38.35 51.26 65.21
N HIS C 74 -38.24 52.48 64.69
CA HIS C 74 -38.79 52.76 63.37
C HIS C 74 -37.76 52.53 62.27
N PHE C 75 -36.48 52.63 62.60
CA PHE C 75 -35.44 52.52 61.60
C PHE C 75 -35.36 51.10 61.06
N ASP C 76 -35.37 50.11 61.95
CA ASP C 76 -35.34 48.73 61.48
C ASP C 76 -36.61 48.38 60.70
N ASN C 77 -37.76 48.86 61.17
CA ASN C 77 -39.01 48.60 60.46
C ASN C 77 -39.00 49.19 59.06
N LEU C 78 -38.51 50.44 58.91
CA LEU C 78 -38.46 51.04 57.58
C LEU C 78 -37.36 50.43 56.72
N PHE C 79 -36.27 49.98 57.35
CA PHE C 79 -35.20 49.33 56.61
C PHE C 79 -35.67 47.99 56.06
N SER C 80 -36.62 47.35 56.73
CA SER C 80 -37.22 46.14 56.17
C SER C 80 -37.85 46.43 54.81
N LYS C 81 -38.66 47.48 54.72
CA LYS C 81 -39.24 47.87 53.44
C LYS C 81 -38.18 48.33 52.46
N MET C 82 -37.16 49.04 52.93
CA MET C 82 -36.07 49.44 52.06
C MET C 82 -35.41 48.24 51.42
N GLU C 83 -35.15 47.20 52.19
CA GLU C 83 -34.54 45.99 51.67
C GLU C 83 -35.49 45.29 50.70
N GLN C 84 -36.77 45.19 51.07
CA GLN C 84 -37.74 44.53 50.19
C GLN C 84 -37.86 45.27 48.87
N LEU C 85 -37.56 46.57 48.86
CA LEU C 85 -37.59 47.32 47.60
C LEU C 85 -36.28 47.15 46.83
N PHE C 86 -35.14 47.26 47.50
CA PHE C 86 -33.87 47.21 46.82
C PHE C 86 -33.60 45.84 46.22
N LEU C 87 -33.75 44.78 47.02
CA LEU C 87 -33.34 43.46 46.57
C LEU C 87 -34.21 42.92 45.45
N GLN C 88 -35.35 43.56 45.18
CA GLN C 88 -36.28 43.02 44.19
C GLN C 88 -36.56 43.98 43.05
N LEU C 89 -36.29 45.28 43.22
CA LEU C 89 -36.71 46.26 42.23
C LEU C 89 -35.59 47.11 41.65
N ILE C 90 -34.62 47.53 42.46
CA ILE C 90 -33.77 48.64 42.04
C ILE C 90 -32.29 48.24 42.00
N LEU C 91 -31.99 47.00 42.39
CA LEU C 91 -30.68 46.39 42.16
C LEU C 91 -30.78 45.02 41.53
N ARG C 92 -31.92 44.36 41.65
CA ARG C 92 -32.10 42.98 41.21
C ARG C 92 -32.09 42.93 39.68
N ILE C 93 -31.87 41.75 39.13
CA ILE C 93 -31.89 41.51 37.69
C ILE C 93 -33.11 40.67 37.34
N PRO C 94 -34.06 41.19 36.57
CA PRO C 94 -35.29 40.45 36.29
C PRO C 94 -35.04 39.22 35.44
N SER C 95 -36.09 38.39 35.33
CA SER C 95 -35.98 37.17 34.55
C SER C 95 -36.23 37.42 33.07
N ASN C 96 -36.57 38.67 32.71
CA ASN C 96 -36.86 38.97 31.31
C ASN C 96 -35.66 39.57 30.61
N ILE C 97 -34.50 39.52 31.25
CA ILE C 97 -33.29 40.11 30.68
C ILE C 97 -32.15 39.11 30.70
N LEU C 98 -31.30 39.16 29.68
CA LEU C 98 -30.16 38.27 29.55
C LEU C 98 -28.86 39.08 29.63
N LEU C 99 -28.00 38.65 30.55
CA LEU C 99 -26.70 39.16 30.95
C LEU C 99 -25.68 38.93 29.84
N PRO C 100 -24.59 39.71 29.80
CA PRO C 100 -23.62 39.57 28.70
C PRO C 100 -23.15 38.15 28.42
N GLU C 101 -22.62 37.43 29.40
CA GLU C 101 -22.22 36.06 29.14
C GLU C 101 -23.42 35.15 28.87
N ASP C 102 -24.57 35.45 29.46
CA ASP C 102 -25.80 34.76 29.06
C ASP C 102 -26.16 35.03 27.61
N LYS C 103 -25.98 36.27 27.14
CA LYS C 103 -26.12 36.54 25.72
C LYS C 103 -25.07 35.78 24.91
N CYS C 104 -23.90 35.54 25.50
CA CYS C 104 -22.89 34.74 24.81
C CYS C 104 -23.38 33.32 24.60
N LYS C 105 -24.01 32.72 25.62
CA LYS C 105 -24.51 31.37 25.45
C LYS C 105 -25.86 31.39 24.72
N GLU C 106 -26.86 32.02 25.33
CA GLU C 106 -28.18 32.21 24.73
C GLU C 106 -28.83 30.85 24.47
N THR C 107 -28.88 30.38 23.22
CA THR C 107 -29.73 29.26 22.80
C THR C 107 -29.43 27.98 23.58
N PRO C 108 -30.47 27.22 23.94
CA PRO C 108 -30.23 25.97 24.66
C PRO C 108 -29.95 24.83 23.68
N TYR C 109 -28.90 24.08 23.98
CA TYR C 109 -28.51 22.94 23.17
C TYR C 109 -28.51 21.70 24.04
N SER C 110 -29.27 20.69 23.63
CA SER C 110 -29.48 19.49 24.40
C SER C 110 -28.23 18.63 24.46
N GLU C 111 -27.90 18.17 25.66
CA GLU C 111 -26.67 17.41 25.87
C GLU C 111 -26.71 16.07 25.18
N GLU C 112 -27.90 15.48 25.02
CA GLU C 112 -28.01 14.26 24.24
C GLU C 112 -27.60 14.51 22.80
N ASP C 113 -28.01 15.66 22.24
CA ASP C 113 -27.54 16.05 20.92
C ASP C 113 -26.03 16.21 20.93
N PHE C 114 -25.46 16.69 22.04
CA PHE C 114 -24.01 16.82 22.11
C PHE C 114 -23.33 15.46 22.08
N GLN C 115 -23.87 14.48 22.80
CA GLN C 115 -23.29 13.14 22.78
C GLN C 115 -23.38 12.52 21.39
N HIS C 116 -24.54 12.65 20.74
CA HIS C 116 -24.68 12.16 19.38
C HIS C 116 -23.70 12.87 18.44
N LEU C 117 -23.52 14.18 18.62
CA LEU C 117 -22.64 14.93 17.74
C LEU C 117 -21.18 14.57 18.01
N GLN C 118 -20.84 14.25 19.25
CA GLN C 118 -19.47 13.85 19.56
C GLN C 118 -19.17 12.46 18.99
N LYS C 119 -20.10 11.52 19.14
CA LYS C 119 -19.85 10.22 18.51
C LYS C 119 -19.79 10.36 17.00
N GLU C 120 -20.61 11.24 16.44
CA GLU C 120 -20.54 11.49 15.00
C GLU C 120 -19.19 12.06 14.59
N ILE C 121 -18.66 13.01 15.37
CA ILE C 121 -17.41 13.65 14.96
C ILE C 121 -16.24 12.69 15.09
N GLU C 122 -16.22 11.86 16.14
CA GLU C 122 -15.14 10.89 16.26
C GLU C 122 -15.25 9.82 15.17
N GLN C 123 -16.47 9.40 14.85
CA GLN C 123 -16.64 8.43 13.78
C GLN C 123 -16.21 9.02 12.46
N LEU C 124 -16.48 10.30 12.23
CA LEU C 124 -16.04 10.95 11.00
C LEU C 124 -14.54 11.14 11.00
N GLN C 125 -13.92 11.30 12.17
CA GLN C 125 -12.47 11.33 12.23
C GLN C 125 -11.86 10.00 11.79
N GLU C 126 -12.40 8.89 12.31
CA GLU C 126 -11.83 7.60 11.91
C GLU C 126 -12.14 7.32 10.44
N LYS C 127 -13.29 7.80 9.95
CA LYS C 127 -13.59 7.70 8.53
C LYS C 127 -12.58 8.48 7.70
N TYR C 128 -12.22 9.68 8.13
CA TYR C 128 -11.21 10.46 7.42
C TYR C 128 -9.88 9.73 7.40
N LYS C 129 -9.50 9.12 8.53
CA LYS C 129 -8.26 8.37 8.59
C LYS C 129 -8.27 7.19 7.61
N THR C 130 -9.35 6.42 7.61
CA THR C 130 -9.39 5.26 6.71
C THR C 130 -9.49 5.70 5.25
N GLU C 131 -10.10 6.86 5.01
CA GLU C 131 -10.14 7.41 3.65
C GLU C 131 -8.75 7.83 3.18
N LEU C 132 -7.97 8.45 4.05
CA LEU C 132 -6.60 8.80 3.68
C LEU C 132 -5.75 7.56 3.45
N CYS C 133 -5.96 6.53 4.28
CA CYS C 133 -5.26 5.25 4.06
C CYS C 133 -5.65 4.63 2.72
N THR C 134 -6.93 4.68 2.39
CA THR C 134 -7.39 4.20 1.08
C THR C 134 -6.76 5.02 -0.04
N LYS C 135 -6.61 6.32 0.16
CA LYS C 135 -5.92 7.17 -0.81
C LYS C 135 -4.49 6.69 -1.03
N GLN C 136 -3.79 6.39 0.07
CA GLN C 136 -2.41 5.91 -0.05
C GLN C 136 -2.35 4.58 -0.79
N ALA C 137 -3.26 3.66 -0.46
CA ALA C 137 -3.29 2.38 -1.15
C ALA C 137 -3.58 2.56 -2.63
N LEU C 138 -4.52 3.45 -2.96
CA LEU C 138 -4.84 3.72 -4.36
C LEU C 138 -3.65 4.31 -5.10
N LEU C 139 -2.91 5.21 -4.45
CA LEU C 139 -1.74 5.80 -5.10
C LEU C 139 -0.64 4.76 -5.34
N ALA C 140 -0.42 3.87 -4.37
CA ALA C 140 0.54 2.80 -4.57
C ALA C 140 0.10 1.89 -5.72
N GLU C 141 -1.19 1.60 -5.78
CA GLU C 141 -1.72 0.82 -6.89
C GLU C 141 -1.50 1.55 -8.21
N LEU C 142 -1.64 2.87 -8.22
CA LEU C 142 -1.38 3.64 -9.43
C LEU C 142 0.07 3.51 -9.87
N GLU C 143 1.00 3.58 -8.91
CA GLU C 143 2.41 3.42 -9.26
C GLU C 143 2.70 2.05 -9.85
N GLU C 144 2.19 0.98 -9.21
CA GLU C 144 2.46 -0.35 -9.74
C GLU C 144 1.76 -0.57 -11.07
N GLN C 145 0.60 0.07 -11.26
CA GLN C 145 -0.08 0.01 -12.55
C GLN C 145 0.75 0.67 -13.63
N LYS C 146 1.37 1.81 -13.30
CA LYS C 146 2.27 2.45 -14.26
C LYS C 146 3.43 1.52 -14.60
N ILE C 147 3.99 0.84 -13.60
CA ILE C 147 5.11 -0.06 -13.84
C ILE C 147 4.70 -1.21 -14.77
N VAL C 148 3.56 -1.84 -14.48
CA VAL C 148 3.14 -2.99 -15.28
C VAL C 148 2.73 -2.53 -16.68
N GLN C 149 2.18 -1.32 -16.79
CA GLN C 149 1.87 -0.78 -18.11
C GLN C 149 3.13 -0.54 -18.92
N ALA C 150 4.20 -0.06 -18.27
CA ALA C 150 5.48 0.09 -18.95
C ALA C 150 6.01 -1.25 -19.42
N LYS C 151 5.92 -2.28 -18.57
CA LYS C 151 6.38 -3.60 -18.97
C LYS C 151 5.56 -4.15 -20.14
N LEU C 152 4.24 -3.96 -20.10
CA LEU C 152 3.40 -4.42 -21.19
C LEU C 152 3.72 -3.68 -22.48
N LYS C 153 3.96 -2.37 -22.40
CA LYS C 153 4.36 -1.64 -23.60
C LYS C 153 5.70 -2.15 -24.13
N GLN C 154 6.62 -2.50 -23.23
CA GLN C 154 7.90 -3.05 -23.68
C GLN C 154 7.71 -4.36 -24.44
N THR C 155 6.88 -5.26 -23.90
CA THR C 155 6.70 -6.54 -24.59
C THR C 155 5.91 -6.37 -25.89
N LEU C 156 4.99 -5.39 -25.94
CA LEU C 156 4.32 -5.10 -27.20
C LEU C 156 5.28 -4.52 -28.23
N THR C 157 6.23 -3.71 -27.78
CA THR C 157 7.29 -3.24 -28.68
C THR C 157 8.11 -4.41 -29.17
N PHE C 158 8.37 -5.39 -28.30
CA PHE C 158 9.04 -6.62 -28.74
C PHE C 158 8.24 -7.32 -29.84
N PHE C 159 6.93 -7.42 -29.65
CA PHE C 159 6.09 -8.05 -30.66
C PHE C 159 6.18 -7.32 -32.00
N ASP C 160 6.12 -5.98 -31.95
CA ASP C 160 6.21 -5.20 -33.17
C ASP C 160 7.57 -5.40 -33.84
N GLU C 161 8.64 -5.43 -33.05
CA GLU C 161 9.97 -5.65 -33.62
C GLU C 161 10.06 -7.03 -34.27
N LEU C 162 9.51 -8.05 -33.62
CA LEU C 162 9.55 -9.39 -34.20
C LEU C 162 8.78 -9.44 -35.51
N HIS C 163 7.58 -8.85 -35.56
CA HIS C 163 6.82 -8.84 -36.80
C HIS C 163 7.57 -8.10 -37.91
N ASN C 164 8.16 -6.94 -37.57
CA ASN C 164 8.90 -6.18 -38.57
C ASN C 164 10.10 -6.96 -39.08
N VAL C 165 10.81 -7.65 -38.18
CA VAL C 165 11.98 -8.44 -38.60
C VAL C 165 11.54 -9.59 -39.49
N GLY C 166 10.45 -10.27 -39.13
CA GLY C 166 9.96 -11.36 -39.96
C GLY C 166 9.53 -10.90 -41.33
N ARG C 167 8.95 -9.69 -41.40
CA ARG C 167 8.54 -9.15 -42.70
C ARG C 167 9.73 -8.58 -43.46
N ASP C 168 10.85 -8.34 -42.77
CA ASP C 168 12.00 -7.71 -43.42
C ASP C 168 12.59 -8.58 -44.52
N HIS C 169 12.80 -9.88 -44.26
CA HIS C 169 13.36 -10.77 -45.25
C HIS C 169 12.44 -10.93 -46.46
N GLY C 170 11.14 -11.09 -46.23
CA GLY C 170 10.20 -11.31 -47.31
C GLY C 170 9.07 -12.25 -46.98
N THR C 171 9.13 -12.90 -45.82
CA THR C 171 8.04 -13.74 -45.35
C THR C 171 6.98 -12.84 -44.72
N SER C 172 6.15 -12.25 -45.59
CA SER C 172 5.17 -11.26 -45.15
C SER C 172 4.12 -11.83 -44.21
N ASP C 173 3.57 -13.00 -44.52
CA ASP C 173 2.54 -13.62 -43.69
C ASP C 173 2.98 -15.04 -43.35
N PHE C 174 3.16 -15.31 -42.07
CA PHE C 174 3.60 -16.65 -41.67
C PHE C 174 2.56 -17.69 -42.02
N ARG C 175 1.30 -17.48 -41.64
CA ARG C 175 0.28 -18.51 -41.83
C ARG C 175 0.13 -18.85 -43.31
N GLU C 176 0.02 -17.83 -44.17
CA GLU C 176 -0.13 -18.08 -45.60
C GLU C 176 1.11 -18.74 -46.17
N SER C 177 2.30 -18.31 -45.74
CA SER C 177 3.53 -18.88 -46.27
C SER C 177 3.64 -20.37 -45.92
N LEU C 178 3.34 -20.72 -44.67
CA LEU C 178 3.40 -22.12 -44.28
C LEU C 178 2.30 -22.93 -44.97
N VAL C 179 1.13 -22.35 -45.17
CA VAL C 179 0.07 -23.07 -45.87
C VAL C 179 0.49 -23.38 -47.29
N SER C 180 1.04 -22.38 -48.00
CA SER C 180 1.51 -22.59 -49.35
C SER C 180 2.66 -23.59 -49.38
N LEU C 181 3.52 -23.55 -48.36
CA LEU C 181 4.59 -24.54 -48.24
C LEU C 181 4.03 -25.94 -48.10
N VAL C 182 2.95 -26.08 -47.32
CA VAL C 182 2.32 -27.39 -47.16
C VAL C 182 1.75 -27.85 -48.49
N GLN C 183 1.09 -26.95 -49.22
CA GLN C 183 0.52 -27.31 -50.51
C GLN C 183 1.61 -27.73 -51.49
N ASN C 184 2.70 -26.96 -51.55
CA ASN C 184 3.80 -27.31 -52.42
C ASN C 184 4.43 -28.63 -52.00
N SER C 185 4.50 -28.90 -50.70
CA SER C 185 5.02 -30.17 -50.22
C SER C 185 4.10 -31.31 -50.63
N ARG C 186 2.80 -31.09 -50.61
CA ARG C 186 1.87 -32.12 -51.06
C ARG C 186 2.06 -32.40 -52.54
N LYS C 187 2.24 -31.36 -53.35
CA LYS C 187 2.54 -31.59 -54.75
C LYS C 187 3.86 -32.33 -54.92
N LEU C 188 4.87 -31.95 -54.14
CA LEU C 188 6.13 -32.66 -54.18
C LEU C 188 5.96 -34.12 -53.82
N GLN C 189 5.08 -34.40 -52.85
CA GLN C 189 4.75 -35.78 -52.52
C GLN C 189 4.15 -36.47 -53.74
N ASN C 190 3.25 -35.78 -54.45
CA ASN C 190 2.64 -36.39 -55.62
C ASN C 190 3.69 -36.77 -56.66
N ILE C 191 4.54 -35.82 -57.05
CA ILE C 191 5.56 -36.11 -58.05
C ILE C 191 6.55 -37.14 -57.55
N ARG C 192 6.86 -37.15 -56.25
CA ARG C 192 7.84 -38.11 -55.76
C ARG C 192 7.24 -39.51 -55.71
N ASP C 193 5.95 -39.61 -55.43
CA ASP C 193 5.28 -40.89 -55.57
C ASP C 193 5.28 -41.36 -57.01
N ASN C 194 5.01 -40.44 -57.95
CA ASN C 194 5.07 -40.81 -59.36
C ASN C 194 6.45 -41.33 -59.75
N VAL C 195 7.50 -40.62 -59.34
CA VAL C 195 8.84 -41.02 -59.75
C VAL C 195 9.23 -42.32 -59.08
N GLU C 196 8.83 -42.52 -57.82
CA GLU C 196 9.14 -43.76 -57.13
C GLU C 196 8.47 -44.95 -57.81
N LYS C 197 7.20 -44.82 -58.15
CA LYS C 197 6.50 -45.94 -58.79
C LYS C 197 7.03 -46.19 -60.20
N GLU C 198 7.35 -45.12 -60.94
CA GLU C 198 7.92 -45.31 -62.27
C GLU C 198 9.29 -45.97 -62.19
N SER C 199 10.13 -45.56 -61.24
CA SER C 199 11.43 -46.20 -61.08
C SER C 199 11.27 -47.66 -60.70
N LYS C 200 10.32 -47.95 -59.80
CA LYS C 200 10.11 -49.33 -59.39
C LYS C 200 9.67 -50.20 -60.56
N ARG C 201 8.76 -49.70 -61.40
CA ARG C 201 8.31 -50.49 -62.54
C ARG C 201 9.40 -50.60 -63.60
N LEU C 202 10.25 -49.59 -63.72
CA LEU C 202 11.39 -49.67 -64.63
C LEU C 202 12.54 -50.49 -64.06
N LYS C 203 12.76 -50.47 -62.75
CA LYS C 203 13.81 -51.27 -62.16
C LYS C 203 13.59 -52.77 -62.32
N ILE C 204 12.35 -53.21 -62.57
CA ILE C 204 12.08 -54.63 -62.75
C ILE C 204 12.19 -55.05 -64.21
N SER C 205 11.54 -54.35 -65.12
CA SER C 205 11.58 -54.70 -66.53
C SER C 205 11.92 -53.49 -67.40
N ILE D 32 -34.64 60.32 34.33
CA ILE D 32 -34.14 59.52 33.20
C ILE D 32 -33.15 58.47 33.71
N SER D 33 -32.10 58.93 34.38
CA SER D 33 -31.09 58.01 34.90
C SER D 33 -31.57 57.38 36.21
N ARG D 34 -30.91 56.28 36.58
CA ARG D 34 -31.24 55.61 37.83
C ARG D 34 -30.90 56.47 39.03
N VAL D 35 -29.79 57.19 38.96
CA VAL D 35 -29.26 57.89 40.14
C VAL D 35 -30.30 58.82 40.73
N LYS D 36 -31.14 59.42 39.87
CA LYS D 36 -32.17 60.32 40.36
C LYS D 36 -33.16 59.59 41.28
N LEU D 37 -33.72 58.47 40.82
CA LEU D 37 -34.66 57.73 41.64
C LEU D 37 -33.98 57.15 42.88
N LEU D 38 -32.77 56.63 42.72
CA LEU D 38 -32.03 56.04 43.84
C LEU D 38 -31.81 57.07 44.94
N ASP D 39 -31.46 58.30 44.56
CA ASP D 39 -31.21 59.33 45.56
C ASP D 39 -32.50 59.99 46.03
N THR D 40 -33.59 59.79 45.29
CA THR D 40 -34.84 60.46 45.64
C THR D 40 -35.66 59.66 46.64
N MET D 41 -35.84 58.36 46.39
CA MET D 41 -36.70 57.59 47.29
C MET D 41 -36.01 57.36 48.63
N VAL D 42 -34.68 57.39 48.64
CA VAL D 42 -33.97 57.32 49.92
C VAL D 42 -34.13 58.62 50.70
N ASP D 43 -34.21 59.76 50.01
CA ASP D 43 -34.54 61.00 50.70
C ASP D 43 -35.97 60.95 51.26
N THR D 44 -36.88 60.32 50.51
CA THR D 44 -38.22 60.08 51.04
C THR D 44 -38.14 59.26 52.33
N PHE D 45 -37.30 58.23 52.31
CA PHE D 45 -36.98 57.47 53.52
C PHE D 45 -36.46 58.37 54.63
N LEU D 46 -35.62 59.35 54.28
CA LEU D 46 -35.08 60.26 55.28
C LEU D 46 -36.18 61.08 55.94
N GLN D 47 -37.10 61.62 55.14
CA GLN D 47 -38.23 62.34 55.71
C GLN D 47 -39.08 61.42 56.56
N LYS D 48 -39.25 60.16 56.13
CA LYS D 48 -39.98 59.20 56.95
C LYS D 48 -39.30 59.00 58.29
N LEU D 49 -37.97 58.95 58.30
CA LEU D 49 -37.23 58.77 59.54
C LEU D 49 -37.38 59.98 60.44
N VAL D 50 -37.12 61.18 59.90
CA VAL D 50 -37.06 62.37 60.74
C VAL D 50 -38.45 62.77 61.22
N ALA D 51 -39.48 62.39 60.48
CA ALA D 51 -40.85 62.71 60.89
C ALA D 51 -41.22 61.93 62.15
N ALA D 52 -40.53 60.83 62.42
CA ALA D 52 -40.75 60.03 63.63
C ALA D 52 -40.24 60.75 64.87
N GLY D 53 -41.14 60.99 65.81
CA GLY D 53 -40.80 61.75 67.01
C GLY D 53 -40.81 63.24 66.75
N SER D 54 -39.97 63.67 65.82
CA SER D 54 -39.89 65.03 65.31
C SER D 54 -40.17 66.11 66.35
N TYR D 55 -41.31 66.80 66.20
CA TYR D 55 -41.61 67.92 67.10
C TYR D 55 -41.88 67.43 68.52
N GLN D 56 -42.57 66.31 68.67
CA GLN D 56 -42.79 65.73 70.00
C GLN D 56 -41.46 65.36 70.63
N ARG D 57 -40.56 64.79 69.81
CA ARG D 57 -39.22 64.46 70.28
C ARG D 57 -38.50 65.69 70.79
N PHE D 58 -38.55 66.78 70.02
CA PHE D 58 -37.90 68.03 70.41
C PHE D 58 -38.49 68.57 71.70
N THR D 59 -39.82 68.55 71.81
CA THR D 59 -40.48 69.05 73.01
C THR D 59 -40.06 68.23 74.22
N ASP D 60 -40.03 66.91 74.07
CA ASP D 60 -39.65 66.03 75.17
C ASP D 60 -38.23 66.32 75.65
N CYS D 61 -37.27 66.33 74.73
CA CYS D 61 -35.88 66.52 75.14
C CYS D 61 -35.64 67.93 75.68
N TYR D 62 -36.18 68.96 75.01
CA TYR D 62 -35.99 70.32 75.46
C TYR D 62 -36.98 70.75 76.53
N LYS D 63 -37.79 69.84 77.07
CA LYS D 63 -38.46 70.14 78.32
C LYS D 63 -37.87 69.33 79.48
N CYS D 64 -37.29 68.16 79.20
CA CYS D 64 -36.60 67.43 80.25
C CYS D 64 -35.28 68.11 80.60
N PHE D 65 -34.50 68.49 79.58
CA PHE D 65 -33.29 69.26 79.86
C PHE D 65 -33.60 70.75 79.99
N TYR D 66 -34.03 71.36 78.89
CA TYR D 66 -34.70 72.66 78.84
C TYR D 66 -33.82 73.86 79.21
N GLN D 67 -32.64 73.65 79.78
CA GLN D 67 -31.79 74.83 80.01
C GLN D 67 -30.29 74.52 80.08
N LEU D 68 -29.57 74.83 79.01
CA LEU D 68 -28.14 75.13 79.13
C LEU D 68 -27.88 76.55 78.64
N GLN D 69 -28.24 76.80 77.38
CA GLN D 69 -28.23 78.06 76.66
C GLN D 69 -29.23 77.90 75.53
N PRO D 70 -30.46 78.43 75.65
CA PRO D 70 -31.55 78.00 74.77
C PRO D 70 -31.27 78.13 73.28
N ALA D 71 -30.61 79.22 72.83
CA ALA D 71 -30.37 79.38 71.41
C ALA D 71 -29.39 78.34 70.88
N MET D 72 -28.26 78.15 71.56
CA MET D 72 -27.26 77.18 71.15
C MET D 72 -27.76 75.74 71.19
N THR D 73 -28.46 75.34 72.26
CA THR D 73 -29.08 74.03 72.28
C THR D 73 -30.13 73.89 71.19
N GLN D 74 -30.87 74.95 70.89
CA GLN D 74 -31.73 74.95 69.72
C GLN D 74 -30.94 74.62 68.46
N GLN D 75 -29.74 75.20 68.32
CA GLN D 75 -28.96 75.01 67.11
C GLN D 75 -28.43 73.59 66.97
N ILE D 76 -28.09 72.94 68.09
CA ILE D 76 -27.45 71.62 68.06
C ILE D 76 -28.36 70.57 67.44
N TYR D 77 -29.65 70.63 67.78
CA TYR D 77 -30.57 69.56 67.37
C TYR D 77 -30.67 69.46 65.86
N ASP D 78 -30.75 70.60 65.16
CA ASP D 78 -30.89 70.57 63.71
C ASP D 78 -29.60 70.11 63.04
N LYS D 79 -28.46 70.34 63.68
CA LYS D 79 -27.18 69.90 63.12
C LYS D 79 -27.15 68.38 63.00
N PHE D 80 -27.66 67.67 64.02
CA PHE D 80 -27.84 66.24 63.91
C PHE D 80 -28.68 65.84 62.70
N ILE D 81 -29.82 66.50 62.53
CA ILE D 81 -30.72 66.13 61.43
C ILE D 81 -30.00 66.33 60.09
N ALA D 82 -29.33 67.46 59.94
CA ALA D 82 -28.64 67.74 58.68
C ALA D 82 -27.52 66.74 58.42
N GLN D 83 -26.71 66.44 59.43
CA GLN D 83 -25.58 65.54 59.22
C GLN D 83 -26.04 64.12 58.93
N LEU D 84 -27.07 63.66 59.64
CA LEU D 84 -27.56 62.29 59.40
C LEU D 84 -28.33 62.21 58.10
N GLN D 85 -28.88 63.32 57.63
CA GLN D 85 -29.61 63.30 56.35
C GLN D 85 -28.67 63.55 55.18
N THR D 86 -27.43 63.94 55.44
CA THR D 86 -26.47 64.03 54.34
C THR D 86 -25.55 62.80 54.31
N SER D 87 -25.28 62.21 55.48
CA SER D 87 -24.39 61.04 55.54
C SER D 87 -24.91 59.91 54.68
N ILE D 88 -26.22 59.77 54.57
CA ILE D 88 -26.81 58.88 53.57
C ILE D 88 -26.31 59.22 52.17
N ARG D 89 -26.27 60.51 51.83
CA ARG D 89 -25.94 60.89 50.46
C ARG D 89 -24.46 60.64 50.18
N GLU D 90 -23.58 61.01 51.11
CA GLU D 90 -22.16 60.70 50.93
C GLU D 90 -21.90 59.20 50.94
N GLU D 91 -22.66 58.44 51.75
CA GLU D 91 -22.47 57.00 51.78
C GLU D 91 -22.89 56.35 50.47
N ILE D 92 -24.03 56.77 49.92
CA ILE D 92 -24.45 56.24 48.63
C ILE D 92 -23.47 56.65 47.54
N SER D 93 -22.98 57.89 47.58
CA SER D 93 -22.01 58.33 46.58
C SER D 93 -20.74 57.50 46.66
N ASP D 94 -20.24 57.24 47.87
CA ASP D 94 -19.05 56.41 48.01
C ASP D 94 -19.32 54.98 47.53
N ILE D 95 -20.51 54.46 47.84
CA ILE D 95 -20.85 53.09 47.42
C ILE D 95 -20.86 52.99 45.90
N LYS D 96 -21.43 53.99 45.22
CA LYS D 96 -21.51 53.92 43.77
C LYS D 96 -20.20 54.30 43.09
N GLU D 97 -19.32 55.04 43.79
CA GLU D 97 -18.10 55.49 43.15
C GLU D 97 -16.93 54.55 43.43
N GLU D 98 -16.56 54.37 44.70
CA GLU D 98 -15.42 53.52 45.03
C GLU D 98 -15.76 52.05 44.80
N GLY D 99 -17.04 51.70 44.89
CA GLY D 99 -17.48 50.39 44.50
C GLY D 99 -17.72 50.23 43.01
N ASN D 100 -17.51 51.31 42.24
CA ASN D 100 -17.73 51.33 40.80
C ASN D 100 -19.14 50.88 40.42
N LEU D 101 -20.15 51.31 41.16
CA LEU D 101 -21.50 50.82 40.90
C LEU D 101 -22.23 51.71 39.90
N GLU D 102 -21.76 52.94 39.70
CA GLU D 102 -22.39 53.78 38.69
C GLU D 102 -22.18 53.20 37.29
N ALA D 103 -20.96 52.75 36.99
CA ALA D 103 -20.69 52.19 35.67
C ALA D 103 -21.45 50.90 35.46
N VAL D 104 -21.48 50.03 36.48
CA VAL D 104 -22.19 48.77 36.32
C VAL D 104 -23.69 49.00 36.25
N LEU D 105 -24.18 50.05 36.90
CA LEU D 105 -25.60 50.38 36.77
C LEU D 105 -25.93 50.87 35.37
N ASN D 106 -25.07 51.71 34.80
CA ASN D 106 -25.28 52.13 33.41
C ASN D 106 -25.23 50.93 32.48
N ALA D 107 -24.31 50.01 32.72
CA ALA D 107 -24.23 48.80 31.90
C ALA D 107 -25.49 47.96 32.05
N LEU D 108 -26.01 47.85 33.28
CA LEU D 108 -27.25 47.11 33.50
C LEU D 108 -28.41 47.74 32.74
N ASP D 109 -28.47 49.07 32.75
CA ASP D 109 -29.50 49.76 31.97
C ASP D 109 -29.34 49.48 30.48
N LYS D 110 -28.11 49.47 29.98
CA LYS D 110 -27.87 49.16 28.58
C LYS D 110 -28.30 47.74 28.25
N ILE D 111 -27.96 46.79 29.11
CA ILE D 111 -28.38 45.41 28.90
C ILE D 111 -29.90 45.30 28.90
N VAL D 112 -30.57 45.96 29.84
CA VAL D 112 -32.02 45.91 29.91
C VAL D 112 -32.64 46.48 28.65
N GLU D 113 -32.15 47.64 28.18
CA GLU D 113 -32.71 48.24 26.97
C GLU D 113 -32.42 47.39 25.74
N GLU D 114 -31.31 46.63 25.78
CA GLU D 114 -30.99 45.75 24.67
C GLU D 114 -31.91 44.54 24.62
N GLY D 115 -32.17 43.92 25.77
CA GLY D 115 -32.90 42.67 25.82
C GLY D 115 -34.34 42.74 26.25
N LYS D 116 -34.94 43.94 26.26
CA LYS D 116 -36.32 44.07 26.71
C LYS D 116 -37.30 43.43 25.73
N VAL D 117 -36.84 43.05 24.55
CA VAL D 117 -37.72 42.51 23.53
C VAL D 117 -38.36 41.21 24.00
N ARG D 118 -37.56 40.32 24.57
CA ARG D 118 -38.01 38.99 24.98
C ARG D 118 -38.75 39.11 26.30
N LYS D 119 -39.99 38.63 26.33
CA LYS D 119 -40.80 38.62 27.54
C LYS D 119 -41.02 37.21 28.08
N GLU D 120 -40.74 36.19 27.29
CA GLU D 120 -40.86 34.81 27.77
C GLU D 120 -39.82 34.54 28.84
N PRO D 121 -40.09 33.59 29.76
CA PRO D 121 -39.12 33.30 30.82
C PRO D 121 -37.75 32.90 30.29
N ALA D 122 -36.75 33.73 30.54
CA ALA D 122 -35.41 33.49 30.03
C ALA D 122 -34.70 32.43 30.87
N TRP D 123 -33.98 31.55 30.18
CA TRP D 123 -33.23 30.52 30.88
C TRP D 123 -32.12 31.14 31.71
N ARG D 124 -31.85 30.54 32.85
CA ARG D 124 -30.84 31.03 33.78
C ARG D 124 -29.87 29.92 34.10
N PRO D 125 -28.64 30.26 34.48
CA PRO D 125 -27.68 29.23 34.88
C PRO D 125 -28.26 28.35 35.98
N SER D 126 -28.50 27.08 35.62
CA SER D 126 -29.24 26.19 36.50
C SER D 126 -28.33 25.39 37.43
N GLY D 127 -27.03 25.65 37.39
CA GLY D 127 -26.12 24.94 38.27
C GLY D 127 -25.73 23.57 37.77
N ILE D 128 -26.27 23.16 36.62
CA ILE D 128 -25.87 21.90 35.99
C ILE D 128 -24.60 22.19 35.19
N PRO D 129 -23.44 21.75 35.65
CA PRO D 129 -22.18 22.16 35.01
C PRO D 129 -22.07 21.75 33.56
N GLU D 130 -22.61 20.60 33.20
CA GLU D 130 -22.41 20.09 31.84
C GLU D 130 -23.15 20.95 30.81
N LYS D 131 -24.41 21.27 31.07
CA LYS D 131 -25.15 22.09 30.12
C LYS D 131 -24.57 23.50 30.06
N ASP D 132 -24.15 24.01 31.21
CA ASP D 132 -23.51 25.32 31.26
C ASP D 132 -22.25 25.35 30.41
N LEU D 133 -21.43 24.31 30.48
CA LEU D 133 -20.29 24.22 29.59
C LEU D 133 -20.69 24.11 28.14
N HIS D 134 -21.67 23.27 27.82
CA HIS D 134 -22.04 23.04 26.43
C HIS D 134 -22.53 24.31 25.76
N SER D 135 -23.31 25.12 26.47
CA SER D 135 -23.91 26.30 25.86
C SER D 135 -22.85 27.27 25.36
N VAL D 136 -21.62 27.16 25.86
CA VAL D 136 -20.58 28.07 25.40
C VAL D 136 -19.53 27.35 24.56
N MET D 137 -19.35 26.04 24.76
CA MET D 137 -18.33 25.34 23.98
C MET D 137 -18.87 24.76 22.68
N ALA D 138 -20.17 24.79 22.45
CA ALA D 138 -20.73 24.26 21.21
C ALA D 138 -20.26 24.96 19.94
N PRO D 139 -20.26 26.29 19.83
CA PRO D 139 -20.05 26.91 18.51
C PRO D 139 -18.71 26.60 17.86
N TYR D 140 -17.60 26.79 18.57
CA TYR D 140 -16.30 26.57 17.95
C TYR D 140 -16.08 25.11 17.60
N PHE D 141 -16.57 24.20 18.43
CA PHE D 141 -16.51 22.78 18.10
C PHE D 141 -17.37 22.49 16.87
N LEU D 142 -18.47 23.23 16.71
CA LEU D 142 -19.31 23.09 15.52
C LEU D 142 -18.57 23.51 14.28
N GLN D 143 -17.86 24.64 14.34
CA GLN D 143 -17.07 25.06 13.18
C GLN D 143 -15.95 24.08 12.89
N GLN D 144 -15.36 23.48 13.93
CA GLN D 144 -14.35 22.45 13.71
C GLN D 144 -14.95 21.26 12.96
N ARG D 145 -16.15 20.83 13.36
CA ARG D 145 -16.80 19.72 12.66
C ARG D 145 -17.14 20.09 11.22
N ASP D 146 -17.56 21.34 10.99
CA ASP D 146 -17.77 21.79 9.62
C ASP D 146 -16.50 21.71 8.79
N THR D 147 -15.39 22.24 9.29
CA THR D 147 -14.13 22.19 8.55
C THR D 147 -13.69 20.74 8.31
N LEU D 148 -13.95 19.86 9.28
CA LEU D 148 -13.59 18.45 9.11
C LEU D 148 -14.39 17.82 7.99
N ARG D 149 -15.69 18.15 7.89
CA ARG D 149 -16.45 17.60 6.77
C ARG D 149 -16.01 18.21 5.45
N ARG D 150 -15.56 19.47 5.45
CA ARG D 150 -14.98 20.00 4.22
C ARG D 150 -13.78 19.18 3.78
N HIS D 151 -12.90 18.86 4.73
CA HIS D 151 -11.75 18.02 4.40
C HIS D 151 -12.19 16.66 3.87
N VAL D 152 -13.16 16.02 4.51
CA VAL D 152 -13.51 14.66 4.12
C VAL D 152 -14.22 14.66 2.77
N GLN D 153 -14.95 15.73 2.46
CA GLN D 153 -15.60 15.80 1.16
C GLN D 153 -14.58 16.05 0.07
N LYS D 154 -13.53 16.83 0.34
CA LYS D 154 -12.45 16.97 -0.63
C LYS D 154 -11.75 15.64 -0.86
N GLN D 155 -11.52 14.89 0.22
CA GLN D 155 -10.93 13.57 0.10
C GLN D 155 -11.82 12.64 -0.72
N GLU D 156 -13.13 12.69 -0.49
CA GLU D 156 -14.06 11.89 -1.28
C GLU D 156 -14.00 12.26 -2.75
N ALA D 157 -13.95 13.57 -3.04
CA ALA D 157 -13.88 14.02 -4.41
C ALA D 157 -12.65 13.48 -5.12
N GLU D 158 -11.48 13.59 -4.49
CA GLU D 158 -10.26 13.10 -5.12
C GLU D 158 -10.27 11.57 -5.24
N ASN D 159 -10.79 10.90 -4.23
CA ASN D 159 -10.79 9.44 -4.22
C ASN D 159 -11.70 8.91 -5.32
N GLN D 160 -12.76 9.65 -5.65
CA GLN D 160 -13.62 9.24 -6.75
C GLN D 160 -12.85 9.16 -8.06
N GLN D 161 -12.10 10.21 -8.39
CA GLN D 161 -11.33 10.19 -9.63
C GLN D 161 -10.23 9.14 -9.57
N LEU D 162 -9.63 8.94 -8.39
CA LEU D 162 -8.64 7.88 -8.27
C LEU D 162 -9.24 6.51 -8.60
N ALA D 163 -10.43 6.24 -8.08
CA ALA D 163 -11.11 4.98 -8.36
C ALA D 163 -11.44 4.87 -9.85
N ASP D 164 -11.91 5.96 -10.46
CA ASP D 164 -12.22 5.91 -11.88
C ASP D 164 -10.99 5.61 -12.72
N ALA D 165 -9.86 6.24 -12.38
CA ALA D 165 -8.63 5.98 -13.11
C ALA D 165 -8.19 4.53 -12.93
N VAL D 166 -8.29 4.00 -11.72
CA VAL D 166 -7.87 2.61 -11.49
C VAL D 166 -8.79 1.66 -12.24
N LEU D 167 -10.09 1.96 -12.28
CA LEU D 167 -11.01 1.13 -13.04
C LEU D 167 -10.68 1.16 -14.53
N ALA D 168 -10.36 2.32 -15.07
CA ALA D 168 -9.94 2.39 -16.48
C ALA D 168 -8.65 1.60 -16.70
N GLY D 169 -7.71 1.70 -15.78
CA GLY D 169 -6.47 0.96 -15.92
C GLY D 169 -6.69 -0.54 -15.87
N ARG D 170 -7.67 -0.99 -15.08
CA ARG D 170 -7.99 -2.41 -15.06
C ARG D 170 -8.46 -2.87 -16.43
N ARG D 171 -9.34 -2.10 -17.08
CA ARG D 171 -9.78 -2.44 -18.42
C ARG D 171 -8.61 -2.40 -19.41
N GLN D 172 -7.73 -1.41 -19.29
CA GLN D 172 -6.59 -1.32 -20.18
C GLN D 172 -5.66 -2.53 -20.05
N VAL D 173 -5.39 -2.95 -18.81
CA VAL D 173 -4.48 -4.07 -18.61
C VAL D 173 -5.13 -5.38 -19.04
N GLU D 174 -6.43 -5.53 -18.79
CA GLU D 174 -7.11 -6.72 -19.28
C GLU D 174 -7.13 -6.74 -20.80
N GLU D 175 -7.19 -5.56 -21.43
CA GLU D 175 -7.17 -5.49 -22.88
C GLU D 175 -5.80 -5.87 -23.43
N LEU D 176 -4.73 -5.36 -22.81
CA LEU D 176 -3.38 -5.72 -23.24
C LEU D 176 -3.14 -7.22 -23.07
N GLN D 177 -3.61 -7.78 -21.95
CA GLN D 177 -3.64 -9.23 -21.79
C GLN D 177 -4.38 -9.87 -22.94
N LEU D 178 -5.46 -9.25 -23.40
CA LEU D 178 -6.22 -9.81 -24.52
C LEU D 178 -5.38 -9.84 -25.80
N GLN D 179 -4.69 -8.74 -26.13
CA GLN D 179 -3.90 -8.78 -27.37
C GLN D 179 -2.74 -9.77 -27.26
N VAL D 180 -2.09 -9.86 -26.10
CA VAL D 180 -0.97 -10.79 -26.01
C VAL D 180 -1.45 -12.23 -26.07
N GLN D 181 -2.61 -12.53 -25.45
CA GLN D 181 -3.18 -13.86 -25.58
C GLN D 181 -3.57 -14.17 -27.02
N ALA D 182 -4.15 -13.19 -27.71
CA ALA D 182 -4.50 -13.39 -29.11
C ALA D 182 -3.26 -13.61 -29.96
N GLN D 183 -2.18 -12.88 -29.66
CA GLN D 183 -0.95 -13.04 -30.43
C GLN D 183 -0.33 -14.40 -30.22
N GLN D 184 -0.26 -14.87 -28.97
CA GLN D 184 0.31 -16.18 -28.73
C GLN D 184 -0.58 -17.27 -29.30
N GLN D 185 -1.90 -17.05 -29.28
CA GLN D 185 -2.80 -17.96 -29.98
C GLN D 185 -2.56 -17.96 -31.48
N ALA D 186 -2.29 -16.80 -32.07
CA ALA D 186 -2.01 -16.74 -33.50
C ALA D 186 -0.74 -17.48 -33.84
N TRP D 187 0.31 -17.29 -33.04
CA TRP D 187 1.55 -18.03 -33.27
C TRP D 187 1.35 -19.52 -33.04
N GLN D 188 0.49 -19.89 -32.08
CA GLN D 188 0.20 -21.30 -31.84
C GLN D 188 -0.62 -21.89 -32.97
N ALA D 189 -1.43 -21.07 -33.64
CA ALA D 189 -2.26 -21.56 -34.73
C ALA D 189 -1.42 -22.18 -35.84
N LEU D 190 -0.14 -21.84 -35.90
CA LEU D 190 0.76 -22.51 -36.83
C LEU D 190 0.82 -24.00 -36.57
N HIS D 191 0.44 -24.43 -35.36
CA HIS D 191 0.58 -25.83 -35.00
C HIS D 191 -0.30 -26.72 -35.89
N ARG D 192 -1.40 -26.17 -36.40
CA ARG D 192 -2.23 -26.95 -37.31
C ARG D 192 -1.48 -27.26 -38.59
N GLU D 193 -0.77 -26.28 -39.13
CA GLU D 193 0.02 -26.51 -40.33
C GLU D 193 1.21 -27.42 -40.06
N GLN D 194 1.86 -27.31 -38.89
CA GLN D 194 2.90 -28.29 -38.59
C GLN D 194 2.32 -29.70 -38.49
N ARG D 195 1.14 -29.85 -37.91
CA ARG D 195 0.55 -31.19 -37.81
C ARG D 195 0.25 -31.74 -39.18
N GLU D 196 -0.31 -30.92 -40.07
CA GLU D 196 -0.61 -31.41 -41.41
C GLU D 196 0.66 -31.70 -42.19
N LEU D 197 1.74 -30.95 -41.93
CA LEU D 197 3.01 -31.21 -42.60
C LEU D 197 3.61 -32.52 -42.11
N VAL D 198 3.52 -32.79 -40.80
CA VAL D 198 3.98 -34.06 -40.26
C VAL D 198 3.18 -35.21 -40.85
N ALA D 199 1.87 -35.05 -40.96
CA ALA D 199 1.04 -36.08 -41.58
C ALA D 199 1.45 -36.30 -43.03
N VAL D 200 1.75 -35.22 -43.76
CA VAL D 200 2.21 -35.34 -45.14
C VAL D 200 3.53 -36.09 -45.21
N LEU D 201 4.50 -35.74 -44.36
CA LEU D 201 5.80 -36.41 -44.33
C LEU D 201 5.63 -37.73 -43.58
N ARG D 202 5.30 -38.76 -44.34
CA ARG D 202 4.95 -40.05 -43.75
C ARG D 202 6.20 -40.79 -43.30
N GLU D 203 6.16 -41.31 -42.09
CA GLU D 203 7.27 -42.10 -41.58
C GLU D 203 7.37 -43.41 -42.35
N PRO D 204 8.55 -44.00 -42.47
CA PRO D 204 8.66 -45.31 -43.12
C PRO D 204 8.00 -46.40 -42.29
N GLU D 205 7.08 -47.15 -42.90
CA GLU D 205 6.37 -48.21 -42.19
C GLU D 205 6.62 -49.57 -42.82
N PRO E 112 -23.73 50.20 72.71
CA PRO E 112 -22.95 50.15 73.94
C PRO E 112 -22.53 51.54 74.42
N ILE E 113 -23.48 52.34 74.87
CA ILE E 113 -23.21 53.68 75.37
C ILE E 113 -22.46 53.56 76.69
N HIS E 114 -21.37 54.31 76.84
CA HIS E 114 -20.63 54.34 78.08
C HIS E 114 -19.71 55.56 78.09
N GLN E 115 -19.90 56.43 79.10
CA GLN E 115 -19.03 57.58 79.31
C GLN E 115 -18.96 57.96 80.77
N GLY E 116 -18.50 59.17 81.07
CA GLY E 116 -18.37 59.64 82.43
C GLY E 116 -16.97 59.46 82.96
N ILE E 117 -16.81 59.47 84.29
CA ILE E 117 -15.52 59.17 84.88
C ILE E 117 -15.13 57.73 84.61
N THR E 118 -16.09 56.89 84.25
CA THR E 118 -15.87 55.48 83.93
C THR E 118 -15.15 54.76 85.05
N GLU E 119 -13.88 54.42 84.83
CA GLU E 119 -13.14 53.51 85.71
C GLU E 119 -13.96 52.24 85.93
N LEU E 120 -14.15 51.50 84.84
CA LEU E 120 -15.11 50.42 84.79
C LEU E 120 -14.80 49.53 83.60
N SER E 121 -15.63 48.53 83.33
CA SER E 121 -15.52 47.70 82.13
C SER E 121 -14.17 46.99 82.06
N ARG E 122 -13.22 47.57 81.33
CA ARG E 122 -11.91 46.95 81.20
C ARG E 122 -11.17 46.89 82.52
N SER E 123 -11.44 47.82 83.43
CA SER E 123 -10.78 47.87 84.73
C SER E 123 -11.55 46.97 85.70
N ILE E 124 -11.18 45.69 85.72
CA ILE E 124 -11.78 44.69 86.59
C ILE E 124 -10.67 43.96 87.32
N SER E 125 -10.76 43.91 88.64
CA SER E 125 -9.79 43.20 89.46
C SER E 125 -9.89 41.71 89.22
N VAL E 126 -8.78 40.98 89.41
CA VAL E 126 -8.77 39.56 89.09
C VAL E 126 -8.62 38.71 90.35
N ASP E 127 -8.47 39.37 91.50
CA ASP E 127 -8.28 38.65 92.75
C ASP E 127 -9.60 38.41 93.47
N LEU E 128 -10.71 38.80 92.85
CA LEU E 128 -12.02 38.68 93.48
C LEU E 128 -12.95 37.89 92.56
N ALA E 129 -13.89 37.18 93.18
CA ALA E 129 -14.87 36.39 92.43
C ALA E 129 -15.89 37.30 91.78
N GLU E 130 -16.64 36.77 90.80
CA GLU E 130 -17.60 37.59 90.06
C GLU E 130 -18.66 38.18 90.98
N SER E 131 -19.04 37.46 92.04
CA SER E 131 -19.92 38.05 93.04
C SER E 131 -19.22 39.17 93.78
N LYS E 132 -17.97 38.95 94.17
CA LYS E 132 -17.19 40.01 94.79
C LYS E 132 -16.94 41.15 93.80
N ARG E 133 -16.72 40.80 92.53
CA ARG E 133 -16.57 41.82 91.49
C ARG E 133 -17.80 42.71 91.41
N LEU E 134 -18.99 42.13 91.32
CA LEU E 134 -20.19 42.93 91.22
C LEU E 134 -20.44 43.69 92.52
N GLY E 135 -20.04 43.11 93.65
CA GLY E 135 -20.21 43.82 94.91
C GLY E 135 -19.38 45.08 94.98
N CYS E 136 -18.11 44.99 94.59
CA CYS E 136 -17.28 46.19 94.59
C CYS E 136 -17.71 47.15 93.49
N LEU E 137 -18.30 46.62 92.42
CA LEU E 137 -18.94 47.50 91.44
C LEU E 137 -20.05 48.31 92.10
N LEU E 138 -20.91 47.64 92.87
CA LEU E 138 -21.96 48.32 93.59
C LEU E 138 -21.38 49.37 94.51
N LEU E 139 -20.30 49.01 95.21
CA LEU E 139 -19.67 49.91 96.15
C LEU E 139 -19.16 51.17 95.45
N SER E 140 -18.41 50.97 94.36
CA SER E 140 -17.85 52.09 93.62
C SER E 140 -18.96 52.98 93.05
N SER E 141 -20.03 52.37 92.53
CA SER E 141 -21.17 53.15 92.08
C SER E 141 -21.76 53.92 93.25
N PHE E 142 -21.68 53.37 94.45
CA PHE E 142 -22.21 54.07 95.60
C PHE E 142 -21.38 55.32 95.90
N GLN E 143 -20.04 55.22 95.87
CA GLN E 143 -19.27 56.45 96.03
C GLN E 143 -19.53 57.42 94.88
N PHE E 144 -19.72 56.91 93.66
CA PHE E 144 -19.98 57.83 92.57
C PHE E 144 -21.28 58.59 92.81
N SER E 145 -22.30 57.90 93.31
CA SER E 145 -23.54 58.56 93.70
C SER E 145 -23.29 59.59 94.79
N ILE E 146 -22.46 59.25 95.78
CA ILE E 146 -22.20 60.18 96.88
C ILE E 146 -21.55 61.46 96.35
N GLN E 147 -20.53 61.31 95.49
CA GLN E 147 -19.87 62.50 94.98
C GLN E 147 -20.71 63.27 93.97
N LYS E 148 -21.67 62.62 93.30
CA LYS E 148 -22.49 63.41 92.38
C LYS E 148 -23.74 63.95 93.07
N LEU E 149 -23.98 63.54 94.30
CA LEU E 149 -25.07 64.15 95.06
C LEU E 149 -24.57 65.22 96.02
N GLU E 150 -23.31 65.12 96.44
CA GLU E 150 -22.76 66.09 97.38
C GLU E 150 -22.69 67.54 96.87
N PRO E 151 -22.32 67.83 95.61
CA PRO E 151 -22.11 69.25 95.24
C PRO E 151 -23.35 70.11 95.37
N PHE E 152 -24.54 69.54 95.28
CA PHE E 152 -25.78 70.30 95.39
C PHE E 152 -26.02 70.86 96.79
N LEU E 153 -25.33 70.33 97.80
CA LEU E 153 -25.50 70.78 99.17
C LEU E 153 -24.55 71.95 99.44
N ARG E 154 -24.92 72.80 100.39
CA ARG E 154 -24.13 73.97 100.74
C ARG E 154 -23.95 74.03 102.25
N ASP E 155 -22.79 74.54 102.67
CA ASP E 155 -22.50 74.62 104.10
C ASP E 155 -23.06 75.89 104.70
N THR E 156 -23.70 75.76 105.85
CA THR E 156 -24.27 76.90 106.56
C THR E 156 -23.92 76.78 108.03
N LYS E 157 -24.31 77.80 108.80
CA LYS E 157 -24.04 77.80 110.23
C LYS E 157 -24.84 76.70 110.91
N GLY E 158 -24.17 75.92 111.77
CA GLY E 158 -24.81 74.80 112.43
C GLY E 158 -25.29 73.73 111.49
N PHE E 159 -24.57 73.52 110.39
CA PHE E 159 -24.96 72.52 109.39
C PHE E 159 -23.73 72.14 108.60
N SER E 160 -23.32 70.87 108.73
CA SER E 160 -22.15 70.37 108.03
C SER E 160 -22.41 68.94 107.58
N LEU E 161 -21.42 68.35 106.91
CA LEU E 161 -21.66 67.14 106.13
C LEU E 161 -21.14 65.87 106.81
N GLU E 162 -20.61 65.96 108.04
CA GLU E 162 -20.02 64.78 108.66
C GLU E 162 -21.08 63.71 108.92
N SER E 163 -22.27 64.10 109.38
CA SER E 163 -23.32 63.12 109.62
C SER E 163 -23.77 62.46 108.32
N PHE E 164 -23.94 63.23 107.26
CA PHE E 164 -24.34 62.66 105.97
C PHE E 164 -23.30 61.68 105.46
N ARG E 165 -22.02 62.06 105.53
CA ARG E 165 -20.98 61.17 105.02
C ARG E 165 -20.83 59.93 105.90
N ALA E 166 -21.03 60.08 107.22
CA ALA E 166 -20.95 58.94 108.11
C ALA E 166 -22.08 57.95 107.83
N LYS E 167 -23.30 58.44 107.65
CA LYS E 167 -24.42 57.54 107.39
C LYS E 167 -24.31 56.91 106.01
N ALA E 168 -23.77 57.65 105.04
CA ALA E 168 -23.50 57.06 103.73
C ALA E 168 -22.46 55.96 103.82
N SER E 169 -21.40 56.18 104.60
CA SER E 169 -20.37 55.16 104.77
C SER E 169 -20.93 53.93 105.47
N SER E 170 -21.77 54.13 106.48
CA SER E 170 -22.40 53.01 107.15
C SER E 170 -23.29 52.24 106.20
N LEU E 171 -24.04 52.95 105.36
CA LEU E 171 -24.86 52.29 104.36
C LEU E 171 -24.02 51.52 103.36
N SER E 172 -22.85 52.04 102.97
CA SER E 172 -21.96 51.30 102.09
C SER E 172 -21.44 50.03 102.75
N GLU E 173 -21.10 50.12 104.05
CA GLU E 173 -20.68 48.92 104.77
C GLU E 173 -21.80 47.89 104.81
N GLU E 174 -23.03 48.34 105.07
CA GLU E 174 -24.16 47.44 105.02
C GLU E 174 -24.33 46.82 103.64
N LEU E 175 -24.11 47.61 102.59
CA LEU E 175 -24.23 47.10 101.23
C LEU E 175 -23.20 46.01 100.95
N LYS E 176 -21.94 46.23 101.35
CA LYS E 176 -20.92 45.23 101.06
C LYS E 176 -21.15 43.97 101.89
N HIS E 177 -21.62 44.14 103.13
CA HIS E 177 -21.98 42.97 103.93
C HIS E 177 -23.14 42.20 103.29
N PHE E 178 -24.12 42.92 102.75
CA PHE E 178 -25.24 42.29 102.06
C PHE E 178 -24.77 41.53 100.83
N ALA E 179 -23.85 42.11 100.06
CA ALA E 179 -23.32 41.41 98.90
C ALA E 179 -22.55 40.17 99.31
N ASP E 180 -21.74 40.27 100.37
CA ASP E 180 -20.98 39.11 100.84
C ASP E 180 -21.92 38.01 101.30
N GLY E 181 -23.01 38.38 101.97
CA GLY E 181 -24.01 37.39 102.33
C GLY E 181 -24.67 36.76 101.12
N LEU E 182 -24.90 37.57 100.09
CA LEU E 182 -25.56 37.08 98.88
C LEU E 182 -24.66 36.21 98.02
N GLU E 183 -23.34 36.29 98.15
CA GLU E 183 -22.45 35.50 97.32
C GLU E 183 -22.50 34.00 97.64
N THR E 184 -23.34 33.59 98.60
CA THR E 184 -23.40 32.19 98.99
C THR E 184 -23.90 31.32 97.84
N ASP E 185 -23.36 30.10 97.76
CA ASP E 185 -23.74 29.14 96.73
C ASP E 185 -23.22 27.78 97.17
N GLY E 186 -23.31 26.80 96.27
CA GLY E 186 -22.78 25.49 96.58
C GLY E 186 -21.27 25.50 96.65
N THR E 187 -20.71 24.54 97.38
CA THR E 187 -19.27 24.47 97.56
C THR E 187 -18.56 24.30 96.22
N LEU E 188 -17.53 25.12 96.00
CA LEU E 188 -16.74 25.15 94.78
C LEU E 188 -17.59 25.12 93.52
N GLN E 189 -18.81 25.65 93.61
CA GLN E 189 -19.72 25.72 92.46
C GLN E 189 -19.35 26.83 91.49
N LYS E 190 -18.56 27.81 91.92
CA LYS E 190 -18.17 28.93 91.06
C LYS E 190 -16.93 28.61 90.22
N CYS E 191 -16.34 27.43 90.38
CA CYS E 191 -15.17 27.08 89.59
C CYS E 191 -15.48 26.98 88.10
N PHE E 192 -16.72 26.63 87.75
CA PHE E 192 -17.13 26.53 86.35
C PHE E 192 -18.30 27.47 86.17
N GLU E 193 -18.90 27.53 84.98
CA GLU E 193 -20.04 28.40 84.73
C GLU E 193 -21.29 27.59 84.41
N ASP E 194 -22.39 28.27 84.09
CA ASP E 194 -23.65 27.60 83.79
C ASP E 194 -24.13 28.06 82.42
N SER E 195 -24.75 27.13 81.69
CA SER E 195 -25.27 27.41 80.36
C SER E 195 -26.49 26.56 80.07
N ASN E 196 -27.57 27.19 79.61
CA ASN E 196 -28.80 26.45 79.32
C ASN E 196 -29.47 27.10 78.10
N GLY E 197 -30.71 26.72 77.83
CA GLY E 197 -31.45 27.25 76.72
C GLY E 197 -32.52 26.27 76.27
N LYS E 198 -33.52 26.80 75.59
CA LYS E 198 -34.62 25.99 75.10
C LYS E 198 -34.75 26.17 73.59
N ALA E 199 -34.83 25.04 72.89
CA ALA E 199 -34.94 25.04 71.44
C ALA E 199 -36.01 24.06 70.99
N SER E 200 -37.19 24.13 71.61
CA SER E 200 -38.26 23.17 71.35
C SER E 200 -38.68 23.20 69.88
N ASP E 201 -38.87 24.39 69.32
CA ASP E 201 -39.32 24.52 67.94
C ASP E 201 -39.11 25.93 67.41
N PHE E 202 -38.75 26.05 66.14
CA PHE E 202 -38.60 27.34 65.48
C PHE E 202 -38.56 27.12 63.98
N SER E 203 -38.69 28.21 63.21
CA SER E 203 -38.66 28.08 61.76
C SER E 203 -37.34 28.55 61.19
N LEU E 204 -36.71 29.54 61.83
CA LEU E 204 -35.40 30.00 61.35
C LEU E 204 -34.36 28.90 61.51
N GLU E 205 -34.51 28.04 62.51
CA GLU E 205 -33.62 26.89 62.64
C GLU E 205 -33.80 25.93 61.46
N ALA E 206 -35.04 25.76 60.99
CA ALA E 206 -35.27 24.94 59.81
C ALA E 206 -34.65 25.58 58.56
N SER E 207 -34.74 26.91 58.47
CA SER E 207 -34.10 27.61 57.36
C SER E 207 -32.59 27.43 57.39
N VAL E 208 -31.99 27.53 58.57
CA VAL E 208 -30.56 27.32 58.72
C VAL E 208 -30.19 25.89 58.31
N ALA E 209 -30.98 24.91 58.75
CA ALA E 209 -30.70 23.52 58.40
C ALA E 209 -30.76 23.31 56.89
N GLU E 210 -31.83 23.79 56.24
CA GLU E 210 -31.96 23.60 54.80
C GLU E 210 -30.83 24.31 54.05
N MET E 211 -30.40 25.47 54.54
CA MET E 211 -29.37 26.19 53.80
C MET E 211 -28.02 25.53 54.10
N LYS E 212 -27.97 24.72 55.16
CA LYS E 212 -26.81 23.87 55.41
C LYS E 212 -26.75 22.70 54.43
N GLU E 213 -27.91 22.11 54.08
CA GLU E 213 -27.88 21.16 52.97
C GLU E 213 -27.49 21.87 51.67
N TYR E 214 -27.83 23.15 51.55
CA TYR E 214 -27.30 23.92 50.41
C TYR E 214 -25.78 24.03 50.49
N ILE E 215 -25.24 24.24 51.69
CA ILE E 215 -23.79 24.17 51.90
C ILE E 215 -23.23 22.84 51.42
N THR E 216 -23.90 21.74 51.78
CA THR E 216 -23.45 20.42 51.34
C THR E 216 -23.46 20.32 49.82
N LYS E 217 -24.51 20.84 49.19
CA LYS E 217 -24.59 20.81 47.73
C LYS E 217 -23.46 21.60 47.09
N PHE E 218 -23.17 22.80 47.62
CA PHE E 218 -22.07 23.58 47.07
C PHE E 218 -20.71 22.95 47.36
N SER E 219 -20.55 22.30 48.50
CA SER E 219 -19.30 21.62 48.79
C SER E 219 -19.07 20.46 47.83
N LEU E 220 -20.12 19.71 47.52
CA LEU E 220 -20.02 18.66 46.51
C LEU E 220 -19.73 19.26 45.14
N GLU E 221 -20.35 20.41 44.83
CA GLU E 221 -20.11 21.07 43.56
C GLU E 221 -18.66 21.52 43.44
N ARG E 222 -18.06 21.94 44.56
CA ARG E 222 -16.66 22.35 44.53
C ARG E 222 -15.77 21.22 44.03
N GLN E 223 -15.89 20.02 44.63
CA GLN E 223 -15.05 18.91 44.24
C GLN E 223 -15.41 18.40 42.84
N THR E 224 -16.71 18.47 42.49
CA THR E 224 -17.10 18.06 41.14
C THR E 224 -16.48 18.97 40.10
N TRP E 225 -16.53 20.28 40.31
CA TRP E 225 -15.93 21.22 39.39
C TRP E 225 -14.41 21.04 39.32
N ASP E 226 -13.78 20.82 40.48
CA ASP E 226 -12.34 20.60 40.49
C ASP E 226 -11.98 19.36 39.69
N GLN E 227 -12.72 18.27 39.87
CA GLN E 227 -12.45 17.06 39.12
C GLN E 227 -12.66 17.27 37.62
N LEU E 228 -13.73 17.98 37.25
CA LEU E 228 -14.00 18.22 35.84
C LEU E 228 -12.90 19.06 35.20
N LEU E 229 -12.51 20.17 35.83
CA LEU E 229 -11.47 21.01 35.25
C LEU E 229 -10.14 20.29 35.21
N LEU E 230 -9.83 19.52 36.26
CA LEU E 230 -8.59 18.76 36.26
C LEU E 230 -8.58 17.73 35.14
N HIS E 231 -9.71 17.04 34.93
CA HIS E 231 -9.80 16.07 33.85
C HIS E 231 -9.60 16.74 32.50
N TYR E 232 -10.26 17.87 32.28
CA TYR E 232 -10.13 18.56 31.00
C TYR E 232 -8.71 19.05 30.77
N GLN E 233 -8.10 19.66 31.78
CA GLN E 233 -6.75 20.20 31.60
C GLN E 233 -5.73 19.08 31.43
N GLN E 234 -5.89 17.98 32.17
CA GLN E 234 -4.95 16.87 32.04
C GLN E 234 -5.13 16.17 30.69
N GLU E 235 -6.37 16.12 30.18
CA GLU E 235 -6.59 15.59 28.85
C GLU E 235 -5.91 16.46 27.80
N ALA E 236 -6.00 17.79 27.97
CA ALA E 236 -5.32 18.70 27.05
C ALA E 236 -3.81 18.49 27.10
N LYS E 237 -3.25 18.38 28.30
CA LYS E 237 -1.81 18.15 28.42
C LYS E 237 -1.40 16.82 27.82
N GLU E 238 -2.20 15.78 28.05
CA GLU E 238 -1.89 14.46 27.49
C GLU E 238 -1.91 14.49 25.97
N ILE E 239 -2.91 15.17 25.39
CA ILE E 239 -2.98 15.29 23.94
C ILE E 239 -1.77 16.06 23.40
N LEU E 240 -1.40 17.15 24.08
CA LEU E 240 -0.24 17.92 23.66
C LEU E 240 1.03 17.09 23.70
N SER E 241 1.21 16.29 24.75
CA SER E 241 2.39 15.44 24.84
C SER E 241 2.37 14.33 23.79
N ARG E 242 1.20 13.77 23.52
CA ARG E 242 1.11 12.64 22.59
C ARG E 242 1.25 13.10 21.15
N GLY E 243 0.91 14.36 20.86
CA GLY E 243 1.03 14.86 19.51
C GLY E 243 2.47 14.87 19.02
N SER E 244 3.41 15.29 19.87
CA SER E 244 4.81 15.31 19.48
C SER E 244 5.51 14.00 19.77
N THR E 245 4.84 13.06 20.43
CA THR E 245 5.44 11.77 20.75
C THR E 245 4.54 10.62 20.29
N PRO E 256 -6.34 -4.29 7.07
CA PRO E 256 -7.31 -4.08 8.15
C PRO E 256 -8.12 -2.79 7.95
N MET E 257 -8.02 -1.87 8.91
CA MET E 257 -8.73 -0.60 8.85
C MET E 257 -8.28 0.28 7.69
N THR E 258 -7.04 0.15 7.23
CA THR E 258 -6.52 0.96 6.14
C THR E 258 -7.22 0.67 4.82
N TYR E 259 -7.93 -0.45 4.72
CA TYR E 259 -8.65 -0.82 3.50
C TYR E 259 -10.15 -0.72 3.61
N LEU E 260 -10.74 -0.98 4.79
CA LEU E 260 -12.18 -0.97 4.96
C LEU E 260 -12.60 0.30 5.69
N GLY E 261 -13.91 0.51 5.80
CA GLY E 261 -14.40 1.70 6.47
C GLY E 261 -14.51 2.89 5.55
N SER E 262 -14.03 2.75 4.32
CA SER E 262 -14.14 3.78 3.31
C SER E 262 -15.34 3.48 2.41
N SER E 263 -15.72 4.47 1.61
CA SER E 263 -16.81 4.29 0.67
C SER E 263 -16.39 3.53 -0.58
N GLN E 264 -15.09 3.37 -0.81
CA GLN E 264 -14.59 2.69 -1.99
C GLN E 264 -13.94 1.35 -1.64
N ASN E 265 -14.52 0.61 -0.69
CA ASN E 265 -14.02 -0.71 -0.40
C ASN E 265 -14.21 -1.64 -1.60
N GLU E 266 -15.12 -1.29 -2.50
CA GLU E 266 -15.40 -2.13 -3.67
C GLU E 266 -14.20 -2.21 -4.60
N VAL E 267 -13.53 -1.08 -4.85
CA VAL E 267 -12.39 -1.10 -5.75
C VAL E 267 -11.22 -1.84 -5.11
N LEU E 268 -11.14 -1.81 -3.78
CA LEU E 268 -10.09 -2.54 -3.10
C LEU E 268 -10.34 -4.04 -3.14
N ASN E 269 -11.56 -4.48 -2.83
CA ASN E 269 -11.79 -5.90 -2.68
C ASN E 269 -12.05 -6.61 -4.00
N THR E 270 -12.10 -5.87 -5.11
CA THR E 270 -12.21 -6.45 -6.44
C THR E 270 -10.85 -6.50 -7.15
N LYS E 271 -9.79 -6.75 -6.38
CA LYS E 271 -8.44 -6.63 -6.92
C LYS E 271 -7.91 -8.00 -7.34
N PRO E 272 -7.60 -8.21 -8.61
CA PRO E 272 -6.94 -9.44 -9.03
C PRO E 272 -5.46 -9.43 -8.67
N ASP E 273 -4.86 -10.63 -8.74
CA ASP E 273 -3.46 -10.81 -8.39
C ASP E 273 -2.60 -10.40 -9.57
N TYR E 274 -1.93 -9.24 -9.45
CA TYR E 274 -1.10 -8.75 -10.54
C TYR E 274 0.19 -9.54 -10.65
N GLN E 275 0.66 -10.11 -9.53
CA GLN E 275 1.79 -11.03 -9.60
C GLN E 275 1.48 -12.20 -10.51
N LYS E 276 0.22 -12.65 -10.52
CA LYS E 276 -0.18 -13.72 -11.42
C LYS E 276 -0.01 -13.30 -12.88
N ILE E 277 -0.37 -12.05 -13.20
CA ILE E 277 -0.19 -11.57 -14.57
C ILE E 277 1.29 -11.51 -14.93
N LEU E 278 2.11 -10.98 -14.02
CA LEU E 278 3.53 -10.89 -14.32
C LEU E 278 4.17 -12.27 -14.44
N GLN E 279 3.63 -13.27 -13.74
CA GLN E 279 4.13 -14.63 -13.89
C GLN E 279 3.63 -15.25 -15.20
N ASN E 280 2.40 -14.95 -15.59
CA ASN E 280 1.89 -15.46 -16.87
C ASN E 280 2.61 -14.83 -18.06
N GLN E 281 3.23 -13.67 -17.87
CA GLN E 281 4.12 -13.15 -18.91
C GLN E 281 5.22 -14.16 -19.24
N SER E 282 5.82 -14.76 -18.20
CA SER E 282 6.85 -15.77 -18.41
C SER E 282 6.28 -17.00 -19.11
N LYS E 283 5.05 -17.38 -18.76
CA LYS E 283 4.41 -18.51 -19.44
C LYS E 283 4.21 -18.22 -20.92
N VAL E 284 3.79 -17.01 -21.27
CA VAL E 284 3.64 -16.64 -22.68
C VAL E 284 4.98 -16.71 -23.40
N PHE E 285 6.03 -16.17 -22.78
CA PHE E 285 7.35 -16.25 -23.40
C PHE E 285 7.78 -17.70 -23.60
N ASP E 286 7.56 -18.54 -22.60
CA ASP E 286 7.92 -19.95 -22.71
C ASP E 286 7.14 -20.63 -23.82
N CYS E 287 5.85 -20.29 -23.95
CA CYS E 287 5.04 -20.88 -25.01
C CYS E 287 5.56 -20.47 -26.38
N MET E 288 5.97 -19.20 -26.54
CA MET E 288 6.57 -18.79 -27.80
C MET E 288 7.87 -19.51 -28.08
N GLU E 289 8.71 -19.67 -27.05
CA GLU E 289 9.92 -20.48 -27.19
C GLU E 289 9.58 -21.87 -27.73
N LEU E 290 8.61 -22.54 -27.11
CA LEU E 290 8.18 -23.85 -27.56
C LEU E 290 7.75 -23.83 -29.02
N VAL E 291 6.84 -22.92 -29.36
CA VAL E 291 6.23 -22.91 -30.70
C VAL E 291 7.29 -22.63 -31.76
N MET E 292 8.15 -21.64 -31.52
CA MET E 292 9.08 -21.23 -32.56
C MET E 292 10.23 -22.22 -32.71
N ASP E 293 10.69 -22.86 -31.62
CA ASP E 293 11.67 -23.92 -31.81
C ASP E 293 11.05 -25.14 -32.45
N GLU E 294 9.75 -25.37 -32.22
CA GLU E 294 9.06 -26.41 -32.97
C GLU E 294 9.03 -26.08 -34.45
N LEU E 295 8.79 -24.81 -34.80
CA LEU E 295 8.84 -24.39 -36.19
C LEU E 295 10.21 -24.61 -36.79
N GLN E 296 11.26 -24.26 -36.02
CA GLN E 296 12.63 -24.52 -36.46
C GLN E 296 12.87 -25.98 -36.75
N GLY E 297 12.45 -26.86 -35.84
CA GLY E 297 12.62 -28.28 -36.06
C GLY E 297 11.86 -28.77 -37.28
N SER E 298 10.63 -28.28 -37.45
CA SER E 298 9.82 -28.72 -38.58
C SER E 298 10.45 -28.31 -39.90
N VAL E 299 10.98 -27.09 -39.97
CA VAL E 299 11.56 -26.65 -41.23
C VAL E 299 12.91 -27.32 -41.47
N LYS E 300 13.61 -27.69 -40.40
CA LYS E 300 14.80 -28.53 -40.55
C LYS E 300 14.44 -29.89 -41.12
N GLN E 301 13.34 -30.46 -40.65
CA GLN E 301 12.82 -31.69 -41.26
C GLN E 301 12.48 -31.48 -42.72
N LEU E 302 11.94 -30.30 -43.05
CA LEU E 302 11.64 -29.99 -44.44
C LEU E 302 12.90 -30.01 -45.29
N GLN E 303 13.98 -29.41 -44.79
CA GLN E 303 15.26 -29.47 -45.50
C GLN E 303 15.74 -30.91 -45.63
N ALA E 304 15.61 -31.69 -44.56
CA ALA E 304 16.07 -33.07 -44.59
C ALA E 304 15.25 -33.92 -45.56
N PHE E 305 14.03 -33.50 -45.87
CA PHE E 305 13.25 -34.22 -46.87
C PHE E 305 13.54 -33.72 -48.27
N MET E 306 13.77 -32.42 -48.44
CA MET E 306 14.11 -31.89 -49.75
C MET E 306 15.44 -32.47 -50.23
N ASP E 307 16.41 -32.59 -49.33
CA ASP E 307 17.68 -33.20 -49.70
C ASP E 307 17.50 -34.66 -50.11
N GLU E 308 16.64 -35.39 -49.39
CA GLU E 308 16.40 -36.79 -49.73
C GLU E 308 15.73 -36.90 -51.10
N SER E 309 14.79 -36.01 -51.39
CA SER E 309 14.15 -36.01 -52.70
C SER E 309 15.15 -35.68 -53.81
N THR E 310 16.04 -34.71 -53.55
CA THR E 310 17.07 -34.39 -54.53
C THR E 310 18.00 -35.57 -54.75
N GLN E 311 18.33 -36.30 -53.68
CA GLN E 311 19.14 -37.50 -53.83
C GLN E 311 18.43 -38.55 -54.66
N CYS E 312 17.11 -38.69 -54.47
CA CYS E 312 16.35 -39.63 -55.29
C CYS E 312 16.41 -39.24 -56.76
N PHE E 313 16.19 -37.96 -57.06
CA PHE E 313 16.27 -37.48 -58.43
C PHE E 313 17.64 -37.78 -59.03
N GLN E 314 18.70 -37.43 -58.28
CA GLN E 314 20.04 -37.66 -58.79
C GLN E 314 20.31 -39.13 -59.03
N LYS E 315 19.94 -40.00 -58.09
CA LYS E 315 20.30 -41.40 -58.27
C LYS E 315 19.50 -42.02 -59.41
N VAL E 316 18.21 -41.69 -59.55
CA VAL E 316 17.47 -42.27 -60.67
C VAL E 316 18.03 -41.78 -62.00
N SER E 317 18.43 -40.50 -62.07
CA SER E 317 19.13 -40.02 -63.25
C SER E 317 20.38 -40.85 -63.49
N VAL E 318 21.02 -41.29 -62.41
CA VAL E 318 22.24 -42.09 -62.56
C VAL E 318 21.97 -43.39 -63.30
N GLN E 319 20.97 -44.20 -62.89
CA GLN E 319 20.85 -45.47 -63.61
C GLN E 319 20.25 -45.27 -64.99
N LEU E 320 19.40 -44.25 -65.19
CA LEU E 320 18.91 -44.04 -66.55
C LEU E 320 20.05 -43.64 -67.49
N GLY E 321 20.95 -42.76 -67.02
CA GLY E 321 22.11 -42.43 -67.82
C GLY E 321 23.03 -43.62 -68.03
N LYS E 322 23.16 -44.47 -67.00
CA LYS E 322 23.99 -45.67 -67.14
C LYS E 322 23.41 -46.63 -68.17
N ARG E 323 22.09 -46.80 -68.17
CA ARG E 323 21.47 -47.68 -69.15
C ARG E 323 21.61 -47.12 -70.55
N SER E 324 21.49 -45.80 -70.70
CA SER E 324 21.74 -45.18 -72.01
C SER E 324 23.18 -45.40 -72.44
N MET E 325 24.13 -45.22 -71.53
CA MET E 325 25.55 -45.41 -71.83
C MET E 325 25.87 -46.86 -72.14
N GLN E 326 25.08 -47.80 -71.61
CA GLN E 326 25.39 -49.22 -71.73
C GLN E 326 25.54 -49.67 -73.17
N GLN E 327 24.71 -49.20 -74.09
CA GLN E 327 24.80 -49.60 -75.48
C GLN E 327 25.75 -48.71 -76.29
N LEU E 328 26.35 -47.70 -75.68
CA LEU E 328 27.35 -46.89 -76.35
C LEU E 328 28.66 -47.67 -76.45
N ASP E 329 29.47 -47.29 -77.44
CA ASP E 329 30.73 -47.98 -77.67
C ASP E 329 31.70 -47.72 -76.53
N PRO E 330 32.22 -48.77 -75.87
CA PRO E 330 33.20 -48.53 -74.80
C PRO E 330 34.44 -47.78 -75.26
N SER E 331 34.95 -48.09 -76.44
CA SER E 331 36.13 -47.41 -77.00
C SER E 331 35.87 -47.11 -78.46
N PRO E 332 34.98 -46.16 -78.76
CA PRO E 332 34.66 -45.88 -80.16
C PRO E 332 35.82 -45.35 -80.97
N ALA E 333 36.78 -44.67 -80.33
CA ALA E 333 37.89 -44.10 -81.09
C ALA E 333 38.84 -45.17 -81.59
N ARG E 334 38.97 -46.26 -80.83
CA ARG E 334 39.77 -47.38 -81.31
C ARG E 334 39.20 -48.00 -82.57
N LYS E 335 37.87 -48.12 -82.64
CA LYS E 335 37.25 -48.56 -83.89
C LYS E 335 37.27 -47.45 -84.93
N LEU E 336 37.44 -46.21 -84.48
CA LEU E 336 37.47 -45.07 -85.40
C LEU E 336 38.79 -45.00 -86.15
N LEU E 337 39.90 -45.27 -85.46
CA LEU E 337 41.21 -45.18 -86.09
C LEU E 337 41.38 -46.25 -87.16
N LYS E 338 40.84 -47.44 -86.91
CA LYS E 338 40.86 -48.52 -87.90
C LYS E 338 39.56 -49.31 -87.86
N SER F 120 22.70 -61.35 -37.42
CA SER F 120 24.09 -61.69 -37.70
C SER F 120 24.76 -60.59 -38.52
N GLU F 121 25.51 -59.72 -37.83
CA GLU F 121 26.26 -58.66 -38.48
C GLU F 121 27.77 -58.87 -38.40
N TRP F 122 28.22 -60.11 -38.46
CA TRP F 122 29.63 -60.44 -38.29
C TRP F 122 30.12 -61.22 -39.51
N ASP F 123 31.35 -60.93 -39.94
CA ASP F 123 31.93 -61.59 -41.09
C ASP F 123 33.25 -62.25 -40.72
N VAL F 124 33.51 -63.42 -41.29
CA VAL F 124 34.76 -64.14 -41.07
C VAL F 124 35.66 -63.89 -42.28
N VAL F 125 36.89 -63.46 -42.04
CA VAL F 125 37.81 -63.16 -43.13
C VAL F 125 38.80 -64.29 -43.36
N GLU F 126 39.48 -64.76 -42.32
CA GLU F 126 40.47 -65.80 -42.48
C GLU F 126 40.68 -66.53 -41.17
N TRP F 127 41.00 -67.83 -41.27
CA TRP F 127 41.43 -68.63 -40.12
C TRP F 127 42.79 -69.23 -40.51
N SER F 128 43.84 -68.46 -40.29
CA SER F 128 45.18 -68.87 -40.65
C SER F 128 45.79 -69.66 -39.48
N ASP F 129 46.91 -70.32 -39.74
CA ASP F 129 47.63 -71.06 -38.70
C ASP F 129 48.23 -70.13 -37.65
N ASP F 130 48.31 -68.83 -37.93
CA ASP F 130 48.89 -67.88 -36.99
C ASP F 130 47.83 -67.01 -36.35
N GLN F 131 46.80 -66.62 -37.11
CA GLN F 131 45.79 -65.73 -36.60
C GLN F 131 44.49 -65.92 -37.36
N ALA F 132 43.40 -65.48 -36.74
CA ALA F 132 42.07 -65.50 -37.34
C ALA F 132 41.48 -64.10 -37.25
N VAL F 133 40.62 -63.75 -38.21
CA VAL F 133 40.11 -62.39 -38.34
C VAL F 133 38.59 -62.42 -38.46
N PHE F 134 37.92 -61.66 -37.60
CA PHE F 134 36.51 -61.36 -37.71
C PHE F 134 36.33 -59.86 -37.88
N THR F 135 35.41 -59.49 -38.78
CA THR F 135 35.06 -58.09 -38.99
C THR F 135 33.64 -57.83 -38.52
N PHE F 136 33.51 -56.83 -37.66
CA PHE F 136 32.25 -56.48 -37.03
C PHE F 136 31.89 -55.05 -37.42
N VAL F 137 30.58 -54.80 -37.46
CA VAL F 137 29.95 -53.53 -37.80
C VAL F 137 30.68 -52.83 -38.94
N TYR F 138 30.28 -53.16 -40.18
CA TYR F 138 30.82 -52.55 -41.39
C TYR F 138 32.34 -52.70 -41.45
N ASP F 139 32.83 -53.83 -40.96
CA ASP F 139 34.23 -54.21 -40.93
C ASP F 139 35.07 -53.27 -40.07
N THR F 140 34.46 -52.31 -39.39
CA THR F 140 35.21 -51.33 -38.62
C THR F 140 35.90 -51.94 -37.41
N ILE F 141 35.32 -52.95 -36.77
CA ILE F 141 35.93 -53.58 -35.61
C ILE F 141 36.56 -54.88 -36.05
N GLN F 142 37.89 -54.93 -36.07
CA GLN F 142 38.61 -56.12 -36.48
C GLN F 142 39.02 -56.90 -35.24
N LEU F 143 38.23 -57.91 -34.91
CA LEU F 143 38.55 -58.83 -33.83
C LEU F 143 39.57 -59.82 -34.37
N THR F 144 40.84 -59.64 -34.00
CA THR F 144 41.89 -60.53 -34.44
C THR F 144 42.29 -61.44 -33.28
N ILE F 145 42.22 -62.75 -33.55
CA ILE F 145 42.62 -63.78 -32.61
C ILE F 145 44.04 -64.19 -33.00
N THR F 146 45.02 -63.70 -32.26
CA THR F 146 46.41 -64.12 -32.40
C THR F 146 46.62 -65.36 -31.55
N PHE F 147 46.69 -66.51 -32.20
CA PHE F 147 46.78 -67.81 -31.55
C PHE F 147 48.21 -68.08 -31.09
N GLU F 148 48.40 -69.27 -30.54
CA GLU F 148 49.74 -69.72 -30.17
C GLU F 148 50.52 -70.09 -31.41
N GLU F 149 51.79 -69.66 -31.46
CA GLU F 149 52.60 -69.83 -32.66
C GLU F 149 52.99 -71.29 -32.85
N SER F 150 52.22 -72.00 -33.67
CA SER F 150 52.53 -73.38 -34.00
C SER F 150 51.99 -73.67 -35.40
N VAL F 151 52.54 -74.71 -36.01
CA VAL F 151 52.13 -75.14 -37.34
C VAL F 151 50.94 -76.09 -37.33
N VAL F 152 50.35 -76.36 -36.17
CA VAL F 152 49.21 -77.25 -36.07
C VAL F 152 48.09 -76.57 -35.28
N GLY F 153 46.86 -77.02 -35.50
CA GLY F 153 45.72 -76.47 -34.81
C GLY F 153 45.13 -77.41 -33.78
N PHE F 154 43.90 -77.11 -33.38
CA PHE F 154 43.17 -77.91 -32.40
C PHE F 154 42.85 -79.34 -32.87
N PRO F 155 42.71 -79.62 -34.18
CA PRO F 155 42.58 -81.03 -34.57
C PRO F 155 43.77 -81.89 -34.20
N PHE F 156 44.98 -81.53 -34.64
CA PHE F 156 46.18 -82.27 -34.29
C PHE F 156 46.53 -82.17 -32.81
N LEU F 157 46.40 -80.98 -32.22
CA LEU F 157 46.68 -80.78 -30.80
C LEU F 157 45.48 -81.22 -29.97
N ASP F 158 45.61 -81.08 -28.65
CA ASP F 158 44.50 -81.36 -27.75
C ASP F 158 43.43 -80.29 -27.88
N LYS F 159 42.21 -80.63 -27.46
CA LYS F 159 41.10 -79.69 -27.54
C LYS F 159 41.30 -78.47 -26.65
N ARG F 160 42.17 -78.57 -25.64
CA ARG F 160 42.44 -77.44 -24.76
C ARG F 160 43.82 -76.83 -24.98
N TYR F 161 44.64 -77.44 -25.82
CA TYR F 161 45.99 -76.94 -26.08
C TYR F 161 46.01 -75.69 -26.94
N ARG F 162 44.97 -75.45 -27.73
CA ARG F 162 44.89 -74.27 -28.60
C ARG F 162 44.53 -73.07 -27.74
N LYS F 163 45.52 -72.51 -27.06
CA LYS F 163 45.32 -71.30 -26.28
C LYS F 163 45.36 -70.08 -27.19
N ILE F 164 44.74 -69.01 -26.72
CA ILE F 164 44.65 -67.76 -27.47
C ILE F 164 45.61 -66.75 -26.86
N VAL F 165 46.64 -66.38 -27.61
CA VAL F 165 47.63 -65.43 -27.11
C VAL F 165 47.05 -64.04 -26.96
N ASP F 166 46.35 -63.53 -27.97
CA ASP F 166 45.82 -62.19 -27.88
C ASP F 166 44.52 -62.06 -28.64
N VAL F 167 43.46 -61.71 -27.92
CA VAL F 167 42.18 -61.34 -28.51
C VAL F 167 42.20 -59.82 -28.62
N ASN F 168 42.71 -59.30 -29.73
CA ASN F 168 42.87 -57.86 -29.85
C ASN F 168 41.78 -57.31 -30.76
N PHE F 169 41.41 -56.05 -30.52
CA PHE F 169 40.28 -55.41 -31.18
C PHE F 169 40.75 -54.18 -31.92
N GLN F 170 41.18 -54.35 -33.16
CA GLN F 170 41.64 -53.22 -33.97
C GLN F 170 40.45 -52.35 -34.31
N SER F 171 40.60 -51.04 -34.11
CA SER F 171 39.55 -50.09 -34.42
C SER F 171 39.85 -49.39 -35.75
N LEU F 172 39.20 -49.84 -36.81
CA LEU F 172 39.42 -49.30 -38.14
C LEU F 172 38.58 -48.05 -38.38
N LEU F 173 37.75 -47.68 -37.41
CA LEU F 173 36.88 -46.52 -37.53
C LEU F 173 37.68 -45.25 -37.31
N ASP F 174 37.65 -44.37 -38.30
CA ASP F 174 38.33 -43.07 -38.21
C ASP F 174 37.43 -42.10 -37.46
N GLU F 175 37.72 -41.91 -36.18
CA GLU F 175 36.92 -41.04 -35.32
C GLU F 175 36.97 -39.57 -35.74
N ASP F 176 37.97 -39.17 -36.53
CA ASP F 176 38.04 -37.79 -36.99
C ASP F 176 36.86 -37.43 -37.89
N GLN F 177 36.50 -38.31 -38.82
CA GLN F 177 35.36 -38.07 -39.71
C GLN F 177 34.13 -38.86 -39.33
N ALA F 178 34.13 -39.53 -38.18
CA ALA F 178 32.98 -40.35 -37.79
C ALA F 178 31.84 -39.46 -37.31
N PRO F 179 30.58 -39.85 -37.57
CA PRO F 179 29.46 -39.09 -37.03
C PRO F 179 29.22 -39.45 -35.58
N PRO F 180 28.37 -38.68 -34.87
CA PRO F 180 28.10 -39.01 -33.46
C PRO F 180 27.58 -40.41 -33.24
N SER F 181 26.77 -40.95 -34.14
CA SER F 181 26.26 -42.30 -33.96
C SER F 181 27.40 -43.32 -33.93
N SER F 182 28.34 -43.19 -34.87
CA SER F 182 29.47 -44.11 -34.90
C SER F 182 30.35 -43.97 -33.66
N LEU F 183 30.62 -42.72 -33.23
CA LEU F 183 31.42 -42.51 -32.04
C LEU F 183 30.76 -43.14 -30.83
N LEU F 184 29.44 -42.94 -30.68
CA LEU F 184 28.74 -43.50 -29.53
C LEU F 184 28.73 -45.02 -29.57
N VAL F 185 28.48 -45.61 -30.74
CA VAL F 185 28.39 -47.07 -30.81
C VAL F 185 29.76 -47.68 -30.53
N HIS F 186 30.83 -47.10 -31.07
CA HIS F 186 32.15 -47.67 -30.86
C HIS F 186 32.63 -47.46 -29.43
N LYS F 187 32.32 -46.30 -28.84
CA LYS F 187 32.67 -46.09 -27.44
C LYS F 187 31.91 -47.06 -26.54
N LEU F 188 30.64 -47.31 -26.85
CA LEU F 188 29.87 -48.25 -26.03
C LEU F 188 30.43 -49.66 -26.14
N ILE F 189 30.78 -50.08 -27.36
CA ILE F 189 31.36 -51.40 -27.53
C ILE F 189 32.68 -51.51 -26.79
N PHE F 190 33.53 -50.48 -26.89
CA PHE F 190 34.82 -50.52 -26.20
C PHE F 190 34.67 -50.45 -24.69
N GLN F 191 33.66 -49.73 -24.19
CA GLN F 191 33.41 -49.71 -22.75
C GLN F 191 32.97 -51.08 -22.26
N TYR F 192 32.09 -51.74 -23.03
CA TYR F 192 31.73 -53.11 -22.69
C TYR F 192 32.95 -54.02 -22.73
N VAL F 193 33.88 -53.73 -23.64
CA VAL F 193 35.10 -54.53 -23.71
C VAL F 193 35.95 -54.34 -22.46
N GLU F 194 36.21 -53.09 -22.08
CA GLU F 194 37.17 -52.81 -21.02
C GLU F 194 36.59 -53.12 -19.64
N GLU F 195 35.29 -52.91 -19.47
CA GLU F 195 34.68 -53.26 -18.19
C GLU F 195 34.54 -54.77 -18.03
N LYS F 196 34.77 -55.51 -19.12
CA LYS F 196 34.62 -56.96 -19.13
C LYS F 196 35.78 -57.62 -19.89
N GLU F 197 36.95 -56.98 -19.89
CA GLU F 197 38.08 -57.48 -20.67
C GLU F 197 38.52 -58.87 -20.21
N SER F 198 37.85 -59.39 -19.19
CA SER F 198 38.17 -60.70 -18.64
C SER F 198 38.02 -61.81 -19.65
N TRP F 199 37.70 -61.49 -20.92
CA TRP F 199 37.92 -62.48 -21.96
C TRP F 199 39.34 -63.03 -21.89
N LYS F 200 40.34 -62.14 -21.73
CA LYS F 200 41.71 -62.63 -21.60
C LYS F 200 41.86 -63.56 -20.41
N LYS F 201 40.98 -63.45 -19.42
CA LYS F 201 40.93 -64.37 -18.29
C LYS F 201 39.96 -65.53 -18.52
N THR F 202 38.88 -65.32 -19.29
CA THR F 202 37.86 -66.34 -19.45
C THR F 202 37.83 -66.98 -20.82
N CYS F 203 38.24 -66.27 -21.87
CA CYS F 203 38.29 -66.81 -23.22
C CYS F 203 39.74 -67.02 -23.61
N THR F 204 40.27 -68.21 -23.27
CA THR F 204 41.62 -68.57 -23.64
C THR F 204 41.64 -69.82 -24.53
N THR F 205 40.48 -70.23 -25.04
CA THR F 205 40.38 -71.42 -25.86
C THR F 205 39.53 -71.12 -27.08
N GLN F 206 39.80 -71.85 -28.16
CA GLN F 206 39.04 -71.73 -29.40
C GLN F 206 37.68 -72.40 -29.32
N HIS F 207 37.46 -73.27 -28.33
CA HIS F 207 36.15 -73.87 -28.11
C HIS F 207 35.12 -72.87 -27.59
N GLN F 208 35.49 -72.03 -26.62
CA GLN F 208 34.62 -70.97 -26.16
C GLN F 208 34.62 -69.76 -27.09
N LEU F 209 35.47 -69.76 -28.11
CA LEU F 209 35.50 -68.63 -29.04
C LEU F 209 34.16 -68.36 -29.71
N PRO F 210 33.44 -69.34 -30.27
CA PRO F 210 32.15 -69.00 -30.91
C PRO F 210 31.15 -68.35 -29.96
N LYS F 211 31.08 -68.82 -28.70
CA LYS F 211 30.06 -68.29 -27.79
C LYS F 211 30.42 -66.90 -27.31
N MET F 212 31.69 -66.63 -27.04
CA MET F 212 32.08 -65.26 -26.72
C MET F 212 31.85 -64.35 -27.91
N LEU F 213 32.11 -64.85 -29.12
CA LEU F 213 31.78 -64.07 -30.32
C LEU F 213 30.29 -63.76 -30.36
N GLU F 214 29.44 -64.74 -30.06
CA GLU F 214 28.01 -64.52 -30.13
C GLU F 214 27.56 -63.49 -29.09
N GLU F 215 28.08 -63.59 -27.87
CA GLU F 215 27.65 -62.66 -26.83
C GLU F 215 28.19 -61.26 -27.12
N PHE F 216 29.35 -61.16 -27.76
CA PHE F 216 29.84 -59.87 -28.22
C PHE F 216 28.96 -59.33 -29.33
N SER F 217 28.52 -60.20 -30.23
CA SER F 217 27.67 -59.78 -31.34
C SER F 217 26.33 -59.32 -30.83
N LEU F 218 25.87 -59.86 -29.71
CA LEU F 218 24.61 -59.41 -29.13
C LEU F 218 24.68 -57.92 -28.76
N VAL F 219 25.72 -57.54 -28.01
CA VAL F 219 25.84 -56.13 -27.63
C VAL F 219 26.14 -55.28 -28.85
N VAL F 220 26.87 -55.83 -29.82
CA VAL F 220 27.12 -55.09 -31.06
C VAL F 220 25.81 -54.81 -31.76
N HIS F 221 24.93 -55.81 -31.86
CA HIS F 221 23.67 -55.67 -32.56
C HIS F 221 22.78 -54.66 -31.84
N HIS F 222 22.73 -54.75 -30.52
CA HIS F 222 21.97 -53.79 -29.74
C HIS F 222 22.49 -52.37 -29.95
N CYS F 223 23.81 -52.20 -29.95
CA CYS F 223 24.37 -50.85 -30.07
C CYS F 223 24.19 -50.32 -31.47
N ARG F 224 24.25 -51.18 -32.49
CA ARG F 224 24.01 -50.73 -33.86
C ARG F 224 22.56 -50.29 -34.03
N LEU F 225 21.62 -51.08 -33.50
CA LEU F 225 20.23 -50.67 -33.54
C LEU F 225 20.04 -49.36 -32.79
N LEU F 226 20.75 -49.19 -31.68
CA LEU F 226 20.68 -47.93 -30.94
C LEU F 226 21.16 -46.76 -31.79
N GLY F 227 22.29 -46.93 -32.46
CA GLY F 227 22.79 -45.86 -33.31
C GLY F 227 21.81 -45.51 -34.41
N GLU F 228 21.20 -46.54 -35.01
CA GLU F 228 20.14 -46.31 -35.96
C GLU F 228 18.97 -45.56 -35.32
N GLU F 229 18.70 -45.82 -34.04
CA GLU F 229 17.62 -45.13 -33.35
C GLU F 229 17.92 -43.65 -33.18
N ILE F 230 19.14 -43.30 -32.77
CA ILE F 230 19.49 -41.88 -32.67
C ILE F 230 19.44 -41.24 -34.05
N GLU F 231 19.91 -41.94 -35.09
CA GLU F 231 19.79 -41.37 -36.43
C GLU F 231 18.34 -41.12 -36.82
N TYR F 232 17.47 -42.11 -36.61
CA TYR F 232 16.07 -41.98 -36.99
C TYR F 232 15.41 -40.84 -36.22
N LEU F 233 15.75 -40.72 -34.94
CA LEU F 233 15.20 -39.64 -34.14
C LEU F 233 15.73 -38.28 -34.58
N LYS F 234 17.01 -38.19 -34.89
CA LYS F 234 17.55 -36.92 -35.35
C LYS F 234 16.90 -36.49 -36.66
N ARG F 235 16.51 -37.47 -37.47
CA ARG F 235 15.81 -37.15 -38.71
C ARG F 235 14.36 -36.75 -38.46
N TRP F 236 13.66 -37.45 -37.57
CA TRP F 236 12.20 -37.31 -37.44
C TRP F 236 11.74 -36.77 -36.09
N GLY F 237 12.58 -36.01 -35.37
CA GLY F 237 12.21 -35.53 -34.06
C GLY F 237 10.97 -34.67 -33.98
N PRO F 238 10.85 -33.63 -34.81
CA PRO F 238 9.70 -32.73 -34.68
C PRO F 238 8.37 -33.42 -34.89
N ASN F 239 8.33 -34.55 -35.60
CA ASN F 239 7.13 -35.37 -35.63
C ASN F 239 6.80 -35.94 -34.25
N TYR F 240 7.81 -36.39 -33.51
CA TYR F 240 7.62 -36.93 -32.16
C TYR F 240 8.02 -35.93 -31.07
N ASN F 241 8.21 -34.66 -31.45
CA ASN F 241 8.66 -33.61 -30.53
C ASN F 241 9.99 -33.95 -29.84
N LEU F 242 11.03 -34.21 -30.63
CA LEU F 242 12.37 -34.48 -30.10
C LEU F 242 13.35 -33.56 -30.82
N MET F 243 13.58 -32.38 -30.26
CA MET F 243 14.29 -31.37 -31.05
C MET F 243 15.80 -31.40 -30.89
N ASN F 244 16.34 -32.27 -30.02
CA ASN F 244 17.79 -32.33 -29.84
C ASN F 244 18.19 -33.65 -29.23
N ILE F 245 19.26 -34.24 -29.77
CA ILE F 245 19.94 -35.37 -29.15
C ILE F 245 21.40 -34.99 -28.96
N ASP F 246 21.79 -34.75 -27.71
CA ASP F 246 23.17 -34.43 -27.37
C ASP F 246 23.80 -35.62 -26.69
N ILE F 247 24.91 -36.09 -27.27
CA ILE F 247 25.61 -37.28 -26.79
C ILE F 247 26.92 -36.80 -26.15
N ASN F 248 27.08 -37.08 -24.86
CA ASN F 248 28.29 -36.74 -24.10
C ASN F 248 28.85 -38.04 -23.55
N ASN F 249 30.02 -38.43 -24.04
CA ASN F 249 30.68 -39.69 -23.67
C ASN F 249 29.70 -40.82 -24.00
N ASN F 250 28.97 -41.36 -23.05
CA ASN F 250 28.00 -42.42 -23.31
C ASN F 250 26.59 -42.07 -22.86
N GLU F 251 26.27 -40.79 -22.77
CA GLU F 251 24.96 -40.35 -22.32
C GLU F 251 24.07 -40.09 -23.52
N LEU F 252 22.79 -39.81 -23.28
CA LEU F 252 21.86 -39.42 -24.33
C LEU F 252 20.88 -38.40 -23.75
N ARG F 253 20.81 -37.23 -24.37
CA ARG F 253 19.95 -36.15 -23.91
C ARG F 253 18.84 -35.91 -24.91
N LEU F 254 17.61 -36.33 -24.57
CA LEU F 254 16.45 -36.19 -25.44
C LEU F 254 15.68 -34.96 -24.98
N LEU F 255 15.57 -33.96 -25.87
CA LEU F 255 14.91 -32.71 -25.53
C LEU F 255 13.49 -32.72 -26.11
N PHE F 256 12.50 -32.94 -25.24
CA PHE F 256 11.10 -32.91 -25.62
C PHE F 256 10.52 -31.56 -25.26
N SER F 257 10.11 -30.80 -26.28
CA SER F 257 9.66 -29.44 -26.07
C SER F 257 8.63 -29.08 -27.12
N SER F 258 7.46 -28.64 -26.66
CA SER F 258 6.37 -28.28 -27.54
C SER F 258 5.33 -27.52 -26.75
N SER F 259 4.53 -26.71 -27.44
CA SER F 259 3.41 -26.03 -26.80
C SER F 259 2.09 -26.76 -27.01
N ALA F 260 2.13 -28.04 -27.40
CA ALA F 260 0.94 -28.87 -27.42
C ALA F 260 0.30 -29.00 -26.04
N ALA F 261 1.10 -29.20 -25.00
CA ALA F 261 0.66 -29.09 -23.63
C ALA F 261 1.50 -28.14 -22.79
N PHE F 262 2.23 -27.21 -23.41
CA PHE F 262 3.10 -26.27 -22.71
C PHE F 262 4.14 -27.04 -21.90
N ALA F 263 4.99 -27.79 -22.60
CA ALA F 263 5.94 -28.69 -21.96
C ALA F 263 7.33 -28.50 -22.56
N LYS F 264 8.35 -28.61 -21.72
CA LYS F 264 9.74 -28.52 -22.15
C LYS F 264 10.62 -29.18 -21.11
N PHE F 265 11.31 -30.25 -21.49
CA PHE F 265 12.12 -30.98 -20.53
C PHE F 265 13.15 -31.82 -21.28
N GLU F 266 14.28 -32.06 -20.61
CA GLU F 266 15.32 -32.93 -21.13
C GLU F 266 15.35 -34.21 -20.32
N ILE F 267 15.39 -35.34 -21.01
CA ILE F 267 15.53 -36.65 -20.38
C ILE F 267 16.96 -37.11 -20.62
N THR F 268 17.68 -37.41 -19.55
CA THR F 268 19.08 -37.80 -19.64
C THR F 268 19.20 -39.30 -19.42
N LEU F 269 19.04 -40.06 -20.50
CA LEU F 269 19.18 -41.51 -20.43
C LEU F 269 20.66 -41.86 -20.51
N PHE F 270 21.18 -42.40 -19.41
CA PHE F 270 22.58 -42.80 -19.32
C PHE F 270 22.73 -44.14 -20.02
N LEU F 271 22.79 -44.12 -21.35
CA LEU F 271 22.85 -45.34 -22.13
C LEU F 271 24.07 -46.17 -21.72
N SER F 272 23.85 -47.46 -21.58
CA SER F 272 24.89 -48.40 -21.21
C SER F 272 24.83 -49.60 -22.13
N ALA F 273 25.94 -50.35 -22.16
CA ALA F 273 26.06 -51.52 -23.04
C ALA F 273 25.01 -52.57 -22.74
N TYR F 274 24.41 -52.57 -21.55
CA TYR F 274 23.36 -53.50 -21.20
C TYR F 274 22.02 -53.13 -21.82
N TYR F 275 21.93 -51.96 -22.43
CA TYR F 275 20.72 -51.57 -23.13
C TYR F 275 20.46 -52.53 -24.29
N PRO F 276 19.21 -52.95 -24.53
CA PRO F 276 18.01 -52.64 -23.76
C PRO F 276 17.51 -53.77 -22.86
N SER F 277 18.41 -54.55 -22.25
CA SER F 277 18.01 -55.61 -21.31
C SER F 277 17.96 -55.11 -19.87
N VAL F 278 18.18 -53.82 -19.64
CA VAL F 278 18.17 -53.23 -18.31
C VAL F 278 17.37 -51.94 -18.38
N PRO F 279 16.64 -51.54 -17.34
CA PRO F 279 16.04 -50.21 -17.36
C PRO F 279 17.11 -49.13 -17.28
N LEU F 280 16.78 -47.97 -17.80
CA LEU F 280 17.75 -46.89 -17.84
C LEU F 280 17.45 -45.88 -16.74
N PRO F 281 18.49 -45.35 -16.09
CA PRO F 281 18.26 -44.28 -15.12
C PRO F 281 17.84 -43.00 -15.82
N SER F 282 16.62 -42.56 -15.55
CA SER F 282 16.06 -41.42 -16.25
C SER F 282 15.96 -40.24 -15.30
N THR F 283 16.93 -39.33 -15.41
CA THR F 283 16.95 -38.12 -14.61
C THR F 283 16.37 -36.98 -15.43
N ILE F 284 15.13 -36.61 -15.13
CA ILE F 284 14.42 -35.59 -15.89
C ILE F 284 14.68 -34.24 -15.26
N GLN F 285 15.47 -33.42 -15.93
CA GLN F 285 15.79 -32.07 -15.48
C GLN F 285 14.75 -31.14 -16.08
N ASN F 286 13.81 -30.71 -15.25
CA ASN F 286 12.67 -29.91 -15.71
C ASN F 286 13.11 -28.55 -16.20
N HIS F 287 12.55 -28.11 -17.32
CA HIS F 287 12.77 -26.77 -17.86
C HIS F 287 11.54 -25.90 -17.76
N VAL F 288 10.43 -26.31 -18.38
CA VAL F 288 9.18 -25.55 -18.40
C VAL F 288 8.02 -26.51 -18.30
N GLY F 289 7.14 -26.28 -17.31
CA GLY F 289 5.97 -27.11 -17.15
C GLY F 289 6.02 -28.00 -15.93
N ASN F 290 4.91 -28.65 -15.61
CA ASN F 290 4.84 -29.50 -14.43
C ASN F 290 4.88 -30.97 -14.81
N THR F 291 6.07 -31.56 -14.81
CA THR F 291 6.25 -32.99 -15.00
C THR F 291 6.94 -33.57 -13.76
N SER F 292 6.31 -34.57 -13.16
CA SER F 292 6.90 -35.23 -12.02
C SER F 292 7.61 -36.51 -12.45
N GLN F 293 8.49 -36.99 -11.58
CA GLN F 293 9.20 -38.25 -11.85
C GLN F 293 8.23 -39.39 -12.07
N ASP F 294 7.06 -39.34 -11.44
CA ASP F 294 6.07 -40.40 -11.59
C ASP F 294 5.58 -40.49 -13.04
N ASP F 295 5.45 -39.35 -13.71
CA ASP F 295 4.95 -39.38 -15.09
C ASP F 295 5.87 -40.16 -16.00
N ILE F 296 7.16 -39.80 -16.01
CA ILE F 296 8.11 -40.51 -16.85
C ILE F 296 8.32 -41.93 -16.35
N ALA F 297 8.14 -42.16 -15.04
CA ALA F 297 8.25 -43.51 -14.51
C ALA F 297 7.16 -44.41 -15.07
N THR F 298 5.92 -43.93 -15.11
CA THR F 298 4.85 -44.68 -15.73
C THR F 298 5.11 -44.86 -17.22
N ILE F 299 5.68 -43.83 -17.87
CA ILE F 299 6.02 -43.95 -19.28
C ILE F 299 7.03 -45.08 -19.49
N LEU F 300 8.06 -45.13 -18.65
CA LEU F 300 9.07 -46.18 -18.77
C LEU F 300 8.47 -47.55 -18.51
N SER F 301 7.62 -47.66 -17.47
CA SER F 301 7.00 -48.93 -17.15
C SER F 301 6.08 -49.43 -18.27
N LYS F 302 5.35 -48.53 -18.92
CA LYS F 302 4.48 -48.94 -20.02
C LYS F 302 5.26 -49.32 -21.27
N VAL F 303 6.54 -48.96 -21.34
CA VAL F 303 7.38 -49.33 -22.47
C VAL F 303 8.27 -50.49 -22.07
N PRO F 304 8.03 -51.69 -22.59
CA PRO F 304 8.76 -52.87 -22.09
C PRO F 304 10.24 -52.79 -22.41
N LEU F 305 11.03 -53.40 -21.54
CA LEU F 305 12.49 -53.44 -21.71
C LEU F 305 12.82 -54.48 -22.78
N GLU F 306 12.84 -54.04 -24.03
CA GLU F 306 13.14 -54.93 -25.15
C GLU F 306 13.68 -54.09 -26.29
N ASN F 307 13.71 -54.69 -27.48
CA ASN F 307 14.24 -54.02 -28.66
C ASN F 307 13.45 -52.76 -28.97
N ASN F 308 14.08 -51.84 -29.69
CA ASN F 308 13.42 -50.63 -30.18
C ASN F 308 12.91 -49.76 -29.05
N TYR F 309 13.53 -49.87 -27.89
CA TYR F 309 12.99 -49.26 -26.67
C TYR F 309 12.94 -47.74 -26.78
N LEU F 310 14.01 -47.13 -27.30
CA LEU F 310 14.08 -45.67 -27.32
C LEU F 310 12.98 -45.07 -28.18
N LYS F 311 12.75 -45.64 -29.35
CA LYS F 311 11.70 -45.10 -30.22
C LYS F 311 10.34 -45.25 -29.56
N ASN F 312 10.09 -46.39 -28.90
CA ASN F 312 8.82 -46.58 -28.21
C ASN F 312 8.64 -45.57 -27.09
N VAL F 313 9.68 -45.28 -26.30
CA VAL F 313 9.51 -44.36 -25.19
C VAL F 313 9.30 -42.93 -25.71
N VAL F 314 10.02 -42.57 -26.78
CA VAL F 314 9.79 -41.25 -27.39
C VAL F 314 8.36 -41.15 -27.89
N LYS F 315 7.87 -42.18 -28.59
CA LYS F 315 6.52 -42.15 -29.11
C LYS F 315 5.49 -42.10 -27.99
N GLN F 316 5.75 -42.82 -26.89
CA GLN F 316 4.81 -42.82 -25.78
C GLN F 316 4.74 -41.46 -25.12
N ILE F 317 5.89 -40.78 -24.96
CA ILE F 317 5.88 -39.43 -24.41
C ILE F 317 5.07 -38.51 -25.32
N TYR F 318 5.33 -38.60 -26.63
CA TYR F 318 4.59 -37.79 -27.59
C TYR F 318 3.09 -38.04 -27.49
N GLN F 319 2.69 -39.30 -27.39
CA GLN F 319 1.27 -39.65 -27.39
C GLN F 319 0.59 -39.18 -26.11
N ASP F 320 1.18 -39.47 -24.95
CA ASP F 320 0.49 -39.18 -23.70
C ASP F 320 0.49 -37.69 -23.38
N LEU F 321 1.61 -37.00 -23.57
CA LEU F 321 1.68 -35.62 -23.10
C LEU F 321 1.39 -34.59 -24.18
N PHE F 322 1.38 -34.96 -25.46
CA PHE F 322 1.23 -33.97 -26.52
C PHE F 322 0.14 -34.27 -27.55
N GLN F 323 -0.20 -35.53 -27.79
CA GLN F 323 -1.27 -35.83 -28.74
C GLN F 323 -2.63 -35.97 -28.06
N ASP F 324 -2.66 -36.63 -26.90
CA ASP F 324 -3.91 -36.77 -26.16
C ASP F 324 -4.47 -35.42 -25.71
N CYS F 325 -3.62 -34.51 -25.25
CA CYS F 325 -4.06 -33.18 -24.87
C CYS F 325 -4.53 -32.42 -26.09
N HIS F 326 -5.68 -31.77 -25.96
CA HIS F 326 -6.26 -31.01 -27.07
C HIS F 326 -5.37 -29.82 -27.42
N PHE F 327 -5.32 -29.51 -28.71
CA PHE F 327 -4.54 -28.37 -29.16
C PHE F 327 -5.23 -27.07 -28.79
N TYR F 328 -4.52 -26.23 -28.04
CA TYR F 328 -5.09 -24.98 -27.56
C TYR F 328 -5.28 -24.00 -28.71
N HIS F 329 -6.46 -23.38 -28.76
CA HIS F 329 -6.78 -22.42 -29.80
C HIS F 329 -7.29 -21.11 -29.19
N ARG G 33 -5.94 35.58 78.54
CA ARG G 33 -7.34 35.97 78.40
C ARG G 33 -7.50 37.49 78.49
N GLU G 34 -8.11 38.07 77.46
CA GLU G 34 -8.33 39.51 77.39
C GLU G 34 -9.71 39.92 77.89
N ASP G 35 -10.67 39.00 77.95
CA ASP G 35 -12.01 39.29 78.41
C ASP G 35 -12.08 39.26 79.93
N PHE G 36 -12.33 40.44 80.51
CA PHE G 36 -12.46 40.57 81.96
C PHE G 36 -13.91 40.78 82.37
N ARG G 37 -14.77 41.14 81.41
CA ARG G 37 -16.14 41.53 81.71
C ARG G 37 -16.97 40.36 82.23
N VAL G 38 -18.09 40.67 82.89
CA VAL G 38 -18.88 39.67 83.57
C VAL G 38 -19.87 39.04 82.59
N ARG G 39 -20.07 37.73 82.71
CA ARG G 39 -20.98 37.00 81.82
C ARG G 39 -22.19 36.58 82.63
N CYS G 40 -23.37 36.89 82.11
CA CYS G 40 -24.62 36.55 82.76
C CYS G 40 -25.54 35.81 81.79
N THR G 41 -26.25 34.80 82.32
CA THR G 41 -27.18 34.01 81.54
C THR G 41 -28.63 34.39 81.80
N SER G 42 -28.90 35.13 82.87
CA SER G 42 -30.27 35.56 83.18
C SER G 42 -30.27 37.09 83.22
N LYS G 43 -31.32 37.69 82.70
CA LYS G 43 -31.41 39.15 82.71
C LYS G 43 -32.51 39.63 83.65
N ARG G 44 -33.67 38.96 83.65
CA ARG G 44 -34.77 39.38 84.51
C ARG G 44 -34.42 39.23 85.98
N ALA G 45 -33.79 38.11 86.35
CA ALA G 45 -33.40 37.90 87.73
C ALA G 45 -32.37 38.92 88.18
N VAL G 46 -31.40 39.21 87.32
CA VAL G 46 -30.38 40.21 87.66
C VAL G 46 -31.00 41.59 87.84
N THR G 47 -31.92 41.96 86.94
CA THR G 47 -32.58 43.25 87.06
C THR G 47 -33.40 43.33 88.33
N GLU G 48 -34.10 42.25 88.68
CA GLU G 48 -34.89 42.23 89.90
C GLU G 48 -34.00 42.35 91.14
N MET G 49 -32.86 41.64 91.13
CA MET G 49 -31.94 41.74 92.25
C MET G 49 -31.36 43.15 92.37
N LEU G 50 -31.06 43.78 91.24
CA LEU G 50 -30.59 45.16 91.26
C LEU G 50 -31.65 46.08 91.84
N GLN G 51 -32.91 45.91 91.42
CA GLN G 51 -33.98 46.74 91.95
C GLN G 51 -34.15 46.54 93.44
N LEU G 52 -34.05 45.30 93.90
CA LEU G 52 -34.18 45.01 95.33
C LEU G 52 -33.04 45.64 96.13
N CYS G 53 -31.80 45.52 95.64
CA CYS G 53 -30.68 46.12 96.32
C CYS G 53 -30.68 47.65 96.24
N GLY G 54 -31.41 48.22 95.28
CA GLY G 54 -31.47 49.66 95.16
C GLY G 54 -32.22 50.33 96.28
N ARG G 55 -32.84 49.57 97.18
CA ARG G 55 -33.51 50.17 98.32
C ARG G 55 -32.52 50.90 99.23
N PHE G 56 -31.25 50.50 99.19
CA PHE G 56 -30.23 51.23 99.93
C PHE G 56 -30.07 52.65 99.40
N VAL G 57 -29.97 52.81 98.08
CA VAL G 57 -29.94 54.15 97.49
C VAL G 57 -31.26 54.85 97.74
N GLN G 58 -32.36 54.10 97.70
CA GLN G 58 -33.67 54.68 98.00
C GLN G 58 -33.66 55.38 99.36
N LYS G 59 -33.20 54.68 100.39
CA LYS G 59 -33.05 55.27 101.71
C LYS G 59 -32.06 56.42 101.70
N LEU G 60 -30.92 56.26 101.03
CA LEU G 60 -30.01 57.38 100.87
C LEU G 60 -30.63 58.49 100.05
N GLY G 61 -31.38 58.14 99.00
CA GLY G 61 -32.13 59.13 98.26
C GLY G 61 -33.22 59.79 99.08
N ASP G 62 -33.70 59.12 100.13
CA ASP G 62 -34.66 59.74 101.03
C ASP G 62 -33.99 60.75 101.94
N ALA G 63 -32.65 60.82 101.91
CA ALA G 63 -31.88 61.77 102.69
C ALA G 63 -31.72 63.10 101.96
N LEU G 64 -32.65 63.39 101.05
CA LEU G 64 -32.66 64.61 100.27
C LEU G 64 -34.03 65.27 100.35
N PRO G 65 -34.13 66.59 100.15
CA PRO G 65 -35.43 67.25 100.21
C PRO G 65 -36.40 66.70 99.17
N GLU G 66 -37.67 66.62 99.58
CA GLU G 66 -38.68 66.01 98.73
C GLU G 66 -38.96 66.82 97.48
N GLU G 67 -38.74 68.14 97.54
CA GLU G 67 -38.97 68.98 96.36
C GLU G 67 -38.03 68.60 95.21
N ILE G 68 -36.76 68.34 95.50
CA ILE G 68 -35.79 67.93 94.51
C ILE G 68 -35.41 66.46 94.64
N ARG G 69 -36.21 65.65 95.35
CA ARG G 69 -35.89 64.24 95.54
C ARG G 69 -35.93 63.48 94.22
N GLU G 70 -37.01 63.65 93.46
CA GLU G 70 -37.22 62.85 92.25
C GLU G 70 -36.07 62.93 91.25
N PRO G 71 -35.58 64.11 90.85
CA PRO G 71 -34.48 64.11 89.88
C PRO G 71 -33.20 63.47 90.41
N ALA G 72 -32.79 63.83 91.62
CA ALA G 72 -31.57 63.25 92.19
C ALA G 72 -31.73 61.75 92.40
N LEU G 73 -32.90 61.33 92.87
CA LEU G 73 -33.14 59.90 93.10
C LEU G 73 -33.08 59.11 91.80
N ARG G 74 -33.73 59.62 90.75
CA ARG G 74 -33.69 58.94 89.46
C ARG G 74 -32.26 58.90 88.94
N ASP G 75 -31.54 60.02 89.07
CA ASP G 75 -30.12 60.07 88.76
C ASP G 75 -29.38 58.92 89.41
N ALA G 76 -29.46 58.83 90.74
CA ALA G 76 -28.68 57.83 91.46
C ALA G 76 -29.07 56.42 91.05
N GLN G 77 -30.37 56.13 90.94
CA GLN G 77 -30.77 54.77 90.64
C GLN G 77 -30.38 54.36 89.22
N TRP G 78 -30.61 55.23 88.24
CA TRP G 78 -30.24 54.87 86.88
C TRP G 78 -28.73 54.69 86.78
N THR G 79 -27.96 55.55 87.45
CA THR G 79 -26.52 55.35 87.47
C THR G 79 -26.18 54.00 88.07
N PHE G 80 -26.90 53.61 89.12
CA PHE G 80 -26.62 52.34 89.78
C PHE G 80 -26.75 51.18 88.80
N GLU G 81 -27.96 50.92 88.30
CA GLU G 81 -28.10 49.76 87.42
C GLU G 81 -27.35 49.94 86.11
N SER G 82 -27.16 51.18 85.64
CA SER G 82 -26.43 51.38 84.39
C SER G 82 -24.97 50.97 84.55
N ALA G 83 -24.32 51.39 85.63
CA ALA G 83 -22.96 50.98 85.88
C ALA G 83 -22.87 49.47 86.06
N VAL G 84 -23.86 48.89 86.75
CA VAL G 84 -23.85 47.43 86.93
C VAL G 84 -23.87 46.73 85.59
N GLN G 85 -24.75 47.19 84.69
CA GLN G 85 -24.90 46.53 83.40
C GLN G 85 -23.68 46.75 82.52
N GLU G 86 -23.08 47.94 82.59
CA GLU G 86 -21.98 48.25 81.67
C GLU G 86 -20.75 47.39 81.89
N ASN G 87 -20.57 46.84 83.09
CA ASN G 87 -19.41 46.00 83.38
C ASN G 87 -19.57 44.58 82.87
N ILE G 88 -20.80 44.12 82.60
CA ILE G 88 -21.03 42.75 82.22
C ILE G 88 -21.04 42.65 80.69
N SER G 89 -20.76 41.44 80.20
CA SER G 89 -20.76 41.15 78.78
C SER G 89 -21.65 39.95 78.51
N ILE G 90 -22.55 40.10 77.53
CA ILE G 90 -23.47 39.04 77.15
C ILE G 90 -22.82 38.21 76.05
N ASN G 91 -22.01 37.24 76.44
CA ASN G 91 -21.32 36.34 75.50
C ASN G 91 -20.50 37.12 74.49
N GLY G 92 -19.86 38.20 74.96
CA GLY G 92 -19.05 39.03 74.10
C GLY G 92 -19.80 40.07 73.31
N GLN G 93 -21.12 40.16 73.45
CA GLN G 93 -21.90 41.14 72.72
C GLN G 93 -22.16 42.36 73.58
N ALA G 94 -22.43 43.48 72.92
CA ALA G 94 -22.70 44.73 73.63
C ALA G 94 -24.05 44.67 74.33
N TRP G 95 -24.17 45.41 75.43
CA TRP G 95 -25.39 45.37 76.22
C TRP G 95 -26.57 45.97 75.46
N GLN G 96 -26.34 47.07 74.74
CA GLN G 96 -27.44 47.73 74.04
C GLN G 96 -27.97 46.88 72.88
N GLU G 97 -27.08 46.13 72.23
CA GLU G 97 -27.48 45.28 71.11
C GLU G 97 -27.69 43.83 71.52
N ALA G 98 -27.72 43.54 72.82
CA ALA G 98 -27.93 42.17 73.28
C ALA G 98 -29.35 41.71 72.94
N SER G 99 -29.51 40.40 72.77
CA SER G 99 -30.78 39.80 72.40
C SER G 99 -31.04 38.54 73.23
N ASP G 100 -32.03 37.77 72.78
CA ASP G 100 -32.39 36.53 73.46
C ASP G 100 -31.25 35.53 73.43
N ASN G 101 -31.17 34.67 74.45
CA ASN G 101 -30.07 33.73 74.61
C ASN G 101 -30.38 32.35 74.04
N CYS G 102 -31.36 32.25 73.15
CA CYS G 102 -31.70 30.98 72.50
C CYS G 102 -30.56 30.41 71.66
N PHE G 103 -29.87 31.24 70.89
CA PHE G 103 -28.74 30.78 70.09
C PHE G 103 -27.67 31.86 70.02
N MET G 104 -26.40 31.46 69.89
CA MET G 104 -25.30 32.40 69.79
C MET G 104 -25.29 33.01 68.40
N ASP G 105 -25.16 34.34 68.36
CA ASP G 105 -25.21 35.05 67.08
C ASP G 105 -23.85 35.05 66.39
N SER G 106 -22.78 34.81 67.15
CA SER G 106 -21.45 34.76 66.55
C SER G 106 -21.33 33.60 65.58
N ASP G 107 -21.90 32.44 65.94
CA ASP G 107 -21.89 31.30 65.04
C ASP G 107 -22.64 31.63 63.75
N ILE G 108 -23.79 32.29 63.88
CA ILE G 108 -24.58 32.67 62.70
C ILE G 108 -23.78 33.61 61.82
N LYS G 109 -23.08 34.56 62.43
CA LYS G 109 -22.26 35.49 61.65
C LYS G 109 -21.14 34.77 60.93
N VAL G 110 -20.46 33.84 61.60
CA VAL G 110 -19.37 33.10 60.95
C VAL G 110 -19.90 32.28 59.78
N LEU G 111 -21.01 31.57 59.98
CA LEU G 111 -21.63 30.88 58.87
C LEU G 111 -21.97 31.83 57.73
N GLU G 112 -22.58 32.98 58.05
CA GLU G 112 -23.01 33.90 56.99
C GLU G 112 -21.82 34.43 56.21
N ASP G 113 -20.71 34.68 56.90
CA ASP G 113 -19.49 35.06 56.21
C ASP G 113 -19.05 33.94 55.25
N GLN G 114 -19.15 32.70 55.71
CA GLN G 114 -18.83 31.57 54.83
C GLN G 114 -19.78 31.50 53.64
N PHE G 115 -21.06 31.77 53.86
CA PHE G 115 -22.02 31.72 52.76
C PHE G 115 -21.70 32.78 51.72
N ASP G 116 -21.41 34.00 52.17
CA ASP G 116 -21.01 35.05 51.23
C ASP G 116 -19.73 34.66 50.50
N GLU G 117 -18.79 34.04 51.21
CA GLU G 117 -17.56 33.61 50.56
C GLU G 117 -17.84 32.62 49.44
N ILE G 118 -18.66 31.60 49.70
CA ILE G 118 -18.91 30.61 48.66
C ILE G 118 -19.72 31.21 47.52
N ILE G 119 -20.66 32.12 47.81
CA ILE G 119 -21.43 32.73 46.74
C ILE G 119 -20.55 33.60 45.86
N VAL G 120 -19.67 34.41 46.46
CA VAL G 120 -18.81 35.24 45.64
C VAL G 120 -17.79 34.37 44.88
N ASP G 121 -17.43 33.23 45.47
CA ASP G 121 -16.56 32.29 44.77
C ASP G 121 -17.24 31.76 43.52
N ILE G 122 -18.49 31.33 43.63
CA ILE G 122 -19.17 30.79 42.45
C ILE G 122 -19.45 31.91 41.45
N ALA G 123 -19.62 33.14 41.94
CA ALA G 123 -19.79 34.27 41.03
C ALA G 123 -18.53 34.52 40.21
N THR G 124 -17.37 34.56 40.86
CA THR G 124 -16.13 34.69 40.11
C THR G 124 -15.91 33.48 39.21
N LYS G 125 -16.40 32.31 39.64
CA LYS G 125 -16.33 31.13 38.78
C LYS G 125 -17.00 31.39 37.45
N ARG G 126 -18.31 31.64 37.49
CA ARG G 126 -19.07 31.85 36.26
C ARG G 126 -18.58 33.08 35.50
N LYS G 127 -17.95 34.03 36.19
CA LYS G 127 -17.31 35.14 35.50
C LYS G 127 -16.16 34.67 34.62
N GLN G 128 -15.13 34.07 35.23
CA GLN G 128 -13.85 33.93 34.54
C GLN G 128 -13.54 32.53 34.02
N TYR G 129 -13.86 31.47 34.78
CA TYR G 129 -13.38 30.18 34.27
C TYR G 129 -14.07 29.65 33.02
N PRO G 130 -15.33 29.94 32.75
CA PRO G 130 -15.85 29.60 31.40
C PRO G 130 -15.04 30.21 30.28
N ARG G 131 -14.66 31.48 30.40
CA ARG G 131 -13.81 32.10 29.39
C ARG G 131 -12.47 31.41 29.30
N LYS G 132 -11.89 31.06 30.45
CA LYS G 132 -10.57 30.43 30.46
C LYS G 132 -10.61 29.05 29.82
N ILE G 133 -11.62 28.23 30.13
CA ILE G 133 -11.71 26.91 29.51
C ILE G 133 -12.04 27.07 28.03
N LEU G 134 -12.71 28.16 27.67
CA LEU G 134 -12.94 28.44 26.26
C LEU G 134 -11.61 28.70 25.53
N GLU G 135 -10.75 29.53 26.14
CA GLU G 135 -9.43 29.78 25.59
C GLU G 135 -8.60 28.50 25.56
N CYS G 136 -8.85 27.59 26.50
CA CYS G 136 -8.15 26.32 26.50
C CYS G 136 -8.63 25.42 25.36
N VAL G 137 -9.94 25.33 25.18
CA VAL G 137 -10.48 24.39 24.20
C VAL G 137 -10.19 24.85 22.78
N ILE G 138 -10.13 26.16 22.56
CA ILE G 138 -9.76 26.59 21.21
C ILE G 138 -8.34 26.17 20.88
N LYS G 139 -7.42 26.28 21.84
CA LYS G 139 -6.06 25.80 21.62
C LYS G 139 -6.04 24.29 21.43
N THR G 140 -6.87 23.57 22.18
CA THR G 140 -6.92 22.12 22.00
C THR G 140 -7.41 21.77 20.61
N ILE G 141 -8.38 22.53 20.08
CA ILE G 141 -8.88 22.29 18.74
C ILE G 141 -7.77 22.54 17.72
N LYS G 142 -7.01 23.61 17.91
CA LYS G 142 -5.86 23.86 17.04
C LYS G 142 -4.89 22.68 17.07
N ALA G 143 -4.61 22.17 18.27
CA ALA G 143 -3.70 21.03 18.38
C ALA G 143 -4.26 19.79 17.70
N LYS G 144 -5.56 19.54 17.86
CA LYS G 144 -6.18 18.38 17.23
C LYS G 144 -6.09 18.47 15.72
N GLN G 145 -6.39 19.64 15.15
CA GLN G 145 -6.33 19.75 13.70
C GLN G 145 -4.89 19.68 13.20
N GLU G 146 -3.94 20.19 13.99
CA GLU G 146 -2.53 20.02 13.63
C GLU G 146 -2.15 18.55 13.60
N ILE G 147 -2.57 17.79 14.61
CA ILE G 147 -2.26 16.35 14.65
C ILE G 147 -2.92 15.64 13.47
N LEU G 148 -4.15 16.03 13.16
CA LEU G 148 -4.85 15.41 12.04
C LEU G 148 -4.16 15.66 10.71
N LYS G 149 -3.77 16.90 10.45
CA LYS G 149 -3.12 17.20 9.16
C LYS G 149 -1.69 16.71 9.12
N GLN G 150 -1.05 16.50 10.27
CA GLN G 150 0.28 15.89 10.28
C GLN G 150 0.23 14.42 9.89
N TYR G 151 -0.95 13.80 9.94
CA TYR G 151 -1.07 12.39 9.59
C TYR G 151 -1.27 12.18 8.11
N HIS G 152 -1.37 13.25 7.32
CA HIS G 152 -1.56 13.09 5.88
C HIS G 152 -0.44 12.30 5.22
N PRO G 153 0.85 12.54 5.50
CA PRO G 153 1.88 11.65 4.96
C PRO G 153 1.89 10.29 5.66
N VAL G 154 1.41 9.25 4.98
CA VAL G 154 1.49 7.89 5.47
C VAL G 154 2.09 7.02 4.37
N VAL G 155 3.14 6.29 4.70
CA VAL G 155 3.80 5.38 3.76
C VAL G 155 3.86 3.99 4.38
N HIS G 156 3.42 2.99 3.62
CA HIS G 156 3.43 1.61 4.07
C HIS G 156 4.08 0.74 2.99
N PRO G 157 4.79 -0.32 3.37
CA PRO G 157 5.41 -1.17 2.35
C PRO G 157 4.36 -2.02 1.64
N LEU G 158 4.09 -1.65 0.38
CA LEU G 158 3.10 -2.36 -0.42
C LEU G 158 3.64 -2.66 -1.81
N ASP G 159 4.65 -1.90 -2.23
CA ASP G 159 5.23 -2.08 -3.55
C ASP G 159 5.92 -3.43 -3.65
N LEU G 160 5.72 -4.11 -4.78
CA LEU G 160 6.29 -5.43 -5.03
C LEU G 160 7.38 -5.30 -6.08
N LYS G 161 8.64 -5.26 -5.62
CA LYS G 161 9.80 -5.16 -6.50
C LYS G 161 10.07 -6.51 -7.15
N TYR G 162 10.43 -6.46 -8.43
CA TYR G 162 10.72 -7.66 -9.19
C TYR G 162 11.95 -7.43 -10.06
N ASP G 163 12.64 -8.52 -10.38
CA ASP G 163 13.85 -8.50 -11.20
C ASP G 163 13.52 -7.99 -12.61
N PRO G 164 14.41 -7.23 -13.24
CA PRO G 164 14.14 -6.76 -14.60
C PRO G 164 14.01 -7.93 -15.57
N ASP G 165 13.25 -7.68 -16.64
CA ASP G 165 12.98 -8.71 -17.64
C ASP G 165 14.29 -9.18 -18.28
N PRO G 166 14.42 -10.46 -18.62
CA PRO G 166 15.70 -10.95 -19.13
C PRO G 166 15.97 -10.51 -20.57
N ALA G 167 16.90 -9.57 -20.73
CA ALA G 167 17.34 -9.11 -22.04
C ALA G 167 18.02 -10.22 -22.85
N PRO G 168 18.97 -11.00 -22.26
CA PRO G 168 19.59 -12.07 -23.06
C PRO G 168 18.59 -13.12 -23.54
N HIS G 169 17.56 -13.38 -22.75
CA HIS G 169 16.54 -14.35 -23.16
C HIS G 169 15.81 -13.88 -24.42
N MET G 170 15.29 -12.65 -24.40
CA MET G 170 14.58 -12.15 -25.57
C MET G 170 15.54 -11.94 -26.74
N GLU G 171 16.82 -11.66 -26.46
CA GLU G 171 17.80 -11.59 -27.52
C GLU G 171 18.02 -12.94 -28.21
N ASN G 172 18.09 -14.02 -27.42
CA ASN G 172 18.22 -15.35 -28.01
C ASN G 172 17.00 -15.70 -28.84
N LEU G 173 15.81 -15.38 -28.31
CA LEU G 173 14.60 -15.57 -29.11
C LEU G 173 14.68 -14.79 -30.42
N LYS G 174 15.07 -13.52 -30.36
CA LYS G 174 15.26 -12.71 -31.55
C LYS G 174 16.17 -13.41 -32.55
N CYS G 175 17.34 -13.85 -32.08
CA CYS G 175 18.34 -14.39 -33.00
C CYS G 175 17.87 -15.67 -33.66
N ARG G 176 17.40 -16.65 -32.88
CA ARG G 176 17.06 -17.92 -33.51
C ARG G 176 15.76 -17.82 -34.29
N GLY G 177 14.84 -16.92 -33.87
CA GLY G 177 13.68 -16.66 -34.70
C GLY G 177 14.06 -16.03 -36.03
N GLU G 178 15.05 -15.14 -36.01
CA GLU G 178 15.51 -14.52 -37.24
C GLU G 178 16.13 -15.54 -38.18
N THR G 179 16.96 -16.45 -37.64
CA THR G 179 17.57 -17.44 -38.52
C THR G 179 16.52 -18.42 -39.05
N VAL G 180 15.51 -18.74 -38.23
CA VAL G 180 14.44 -19.59 -38.71
C VAL G 180 13.67 -18.90 -39.83
N ALA G 181 13.34 -17.61 -39.67
CA ALA G 181 12.62 -16.90 -40.72
C ALA G 181 13.45 -16.82 -42.00
N LYS G 182 14.76 -16.55 -41.85
CA LYS G 182 15.66 -16.53 -43.01
C LYS G 182 15.59 -17.84 -43.77
N GLU G 183 15.75 -18.96 -43.05
CA GLU G 183 15.80 -20.25 -43.73
C GLU G 183 14.43 -20.63 -44.28
N ILE G 184 13.36 -20.21 -43.61
CA ILE G 184 12.02 -20.50 -44.11
C ILE G 184 11.77 -19.79 -45.43
N SER G 185 12.14 -18.51 -45.50
CA SER G 185 11.98 -17.77 -46.76
C SER G 185 12.87 -18.36 -47.85
N GLU G 186 14.06 -18.85 -47.48
CA GLU G 186 14.90 -19.53 -48.46
C GLU G 186 14.24 -20.80 -48.99
N ALA G 187 13.64 -21.60 -48.09
CA ALA G 187 13.01 -22.84 -48.50
C ALA G 187 11.81 -22.57 -49.40
N MET G 188 11.06 -21.52 -49.09
CA MET G 188 9.88 -21.17 -49.88
C MET G 188 10.21 -20.94 -51.35
N LYS G 189 11.41 -20.48 -51.65
CA LYS G 189 11.85 -20.28 -53.03
C LYS G 189 12.63 -21.46 -53.59
N SER G 190 13.31 -22.23 -52.73
CA SER G 190 14.09 -23.35 -53.23
C SER G 190 13.19 -24.52 -53.64
N LEU G 191 12.15 -24.80 -52.86
CA LEU G 191 11.32 -25.97 -53.15
C LEU G 191 10.65 -25.94 -54.52
N PRO G 192 10.11 -24.82 -55.01
CA PRO G 192 9.50 -24.84 -56.35
C PRO G 192 10.45 -25.28 -57.46
N ALA G 193 11.76 -25.03 -57.28
CA ALA G 193 12.73 -25.58 -58.21
C ALA G 193 12.67 -27.11 -58.21
N LEU G 194 12.55 -27.72 -57.04
CA LEU G 194 12.36 -29.16 -56.97
C LEU G 194 11.04 -29.56 -57.63
N ILE G 195 9.98 -28.77 -57.46
CA ILE G 195 8.71 -29.09 -58.09
C ILE G 195 8.87 -29.13 -59.61
N GLU G 196 9.46 -28.09 -60.18
CA GLU G 196 9.57 -28.01 -61.63
C GLU G 196 10.51 -29.07 -62.17
N GLN G 197 11.58 -29.38 -61.43
CA GLN G 197 12.47 -30.45 -61.84
C GLN G 197 11.75 -31.79 -61.82
N GLY G 198 10.91 -32.02 -60.82
CA GLY G 198 10.13 -33.25 -60.79
C GLY G 198 9.15 -33.35 -61.94
N GLU G 199 8.50 -32.25 -62.28
CA GLU G 199 7.59 -32.26 -63.42
C GLU G 199 8.35 -32.56 -64.71
N GLY G 200 9.49 -31.91 -64.90
CA GLY G 200 10.31 -32.18 -66.07
C GLY G 200 10.78 -33.62 -66.12
N PHE G 201 11.11 -34.19 -64.96
CA PHE G 201 11.60 -35.56 -64.95
C PHE G 201 10.47 -36.55 -65.18
N SER G 202 9.26 -36.21 -64.74
CA SER G 202 8.09 -37.01 -65.10
C SER G 202 7.88 -36.99 -66.61
N GLN G 203 8.05 -35.82 -67.23
CA GLN G 203 7.97 -35.76 -68.69
C GLN G 203 9.07 -36.60 -69.33
N VAL G 204 10.27 -36.59 -68.75
CA VAL G 204 11.35 -37.42 -69.26
C VAL G 204 10.98 -38.89 -69.20
N LEU G 205 10.40 -39.31 -68.08
CA LEU G 205 9.95 -40.70 -67.93
C LEU G 205 8.88 -41.03 -68.97
N ARG G 206 7.98 -40.08 -69.23
CA ARG G 206 6.98 -40.26 -70.27
C ARG G 206 7.60 -40.44 -71.65
N MET G 207 8.61 -39.64 -71.98
CA MET G 207 9.23 -39.70 -73.29
C MET G 207 10.17 -40.89 -73.47
N GLN G 208 10.71 -41.43 -72.37
CA GLN G 208 11.75 -42.45 -72.48
C GLN G 208 11.33 -43.70 -73.24
N PRO G 209 10.20 -44.36 -72.92
CA PRO G 209 9.91 -45.62 -73.62
C PRO G 209 9.65 -45.45 -75.10
N VAL G 210 8.87 -44.43 -75.49
CA VAL G 210 8.57 -44.23 -76.91
C VAL G 210 9.84 -43.98 -77.69
N ILE G 211 10.77 -43.21 -77.13
CA ILE G 211 12.05 -42.99 -77.78
C ILE G 211 12.82 -44.30 -77.89
N HIS G 212 12.81 -45.12 -76.84
CA HIS G 212 13.41 -46.45 -76.96
C HIS G 212 12.51 -47.43 -77.69
N LEU G 213 11.23 -47.10 -77.90
CA LEU G 213 10.35 -47.93 -78.70
C LEU G 213 10.46 -47.64 -80.18
N GLN G 214 11.30 -46.69 -80.57
CA GLN G 214 11.39 -46.30 -81.97
C GLN G 214 12.57 -47.02 -82.64
N ARG G 215 12.40 -47.34 -83.93
CA ARG G 215 13.38 -48.19 -84.62
C ARG G 215 14.70 -47.47 -84.85
N ILE G 216 14.68 -46.41 -85.66
CA ILE G 216 15.93 -45.75 -85.99
C ILE G 216 16.53 -45.09 -84.76
N HIS G 217 15.69 -44.75 -83.78
CA HIS G 217 16.23 -44.11 -82.58
C HIS G 217 17.18 -45.04 -81.83
N GLN G 218 16.78 -46.31 -81.67
CA GLN G 218 17.70 -47.28 -81.08
C GLN G 218 18.79 -47.66 -82.07
N GLU G 219 18.54 -47.50 -83.38
CA GLU G 219 19.62 -47.66 -84.34
C GLU G 219 20.75 -46.69 -84.05
N VAL G 220 20.41 -45.41 -83.85
CA VAL G 220 21.40 -44.43 -83.45
C VAL G 220 21.96 -44.76 -82.08
N PHE G 221 21.10 -45.12 -81.13
CA PHE G 221 21.50 -45.41 -79.76
C PHE G 221 22.48 -46.57 -79.68
N SER G 222 22.31 -47.60 -80.50
CA SER G 222 23.25 -48.70 -80.58
C SER G 222 24.25 -48.44 -81.70
N CYS G 264 23.17 -49.26 -48.53
CA CYS G 264 22.81 -48.58 -47.29
C CYS G 264 23.54 -47.24 -47.18
N PRO G 265 22.77 -46.17 -46.93
CA PRO G 265 23.41 -44.86 -46.71
C PRO G 265 24.36 -44.85 -45.53
N GLN G 266 24.13 -45.71 -44.53
CA GLN G 266 25.03 -45.79 -43.38
C GLN G 266 26.45 -46.12 -43.82
N ARG G 267 26.59 -46.89 -44.91
CA ARG G 267 27.92 -47.16 -45.46
C ARG G 267 28.67 -45.87 -45.76
N LYS G 268 27.98 -44.86 -46.29
CA LYS G 268 28.60 -43.55 -46.46
C LYS G 268 28.95 -42.91 -45.12
N TRP G 269 28.08 -43.02 -44.12
CA TRP G 269 28.35 -42.43 -42.82
C TRP G 269 29.56 -43.04 -42.12
N TYR G 270 29.69 -44.36 -42.14
CA TYR G 270 30.84 -45.02 -41.52
C TYR G 270 32.04 -44.97 -42.46
N PRO G 271 33.12 -44.30 -42.08
CA PRO G 271 34.30 -44.25 -42.96
C PRO G 271 35.03 -45.58 -42.96
N LEU G 272 34.90 -46.30 -44.07
CA LEU G 272 35.52 -47.62 -44.21
C LEU G 272 36.88 -47.53 -44.87
#